data_8AI6
#
_entry.id   8AI6
#
_cell.length_a   75.82
_cell.length_b   92.25
_cell.length_c   127.08
_cell.angle_alpha   90
_cell.angle_beta   90
_cell.angle_gamma   90
#
_symmetry.space_group_name_H-M   'P 21 21 21'
#
loop_
_entity.id
_entity.type
_entity.pdbx_description
1 polymer 'Putative peptide biosynthesis protein YydG'
2 non-polymer 'IRON/SULFUR CLUSTER'
3 non-polymer S-ADENOSYL-L-HOMOCYSTEINE
4 non-polymer 1,2-ETHANEDIOL
5 non-polymer DI(HYDROXYETHYL)ETHER
6 water water
#
_entity_poly.entity_id   1
_entity_poly.type   'polypeptide(L)'
_entity_poly.pdbx_seq_one_letter_code
;MASWSHPQFEKSGGGGGENLYFQGHMYNKTVSINLDSRCNASCDHCCFSSSPTSTTRMEKEYIRELVTEFAKNKTIQVIS
FTGGEVFLDYKFLKELMEIIKPYEKQITLISNGFWGLSKKKVQEYFHDMNSLNVIALTISYDEYHAPFVKSSSIKNILEH
SRKYPDIDISLNMAVTKDKMSNHILEELGDSILGVKITKFPMISVGAAKTRIKQENIHKFYSLEDEDSLHCPGYAIVYHH
DGEIYPC(CSS)SPAIFETKITLREEYNQSFERTVEKLNSNLLLFILRKEGFKWFLNILKENNKIEEFDIPYEFSSICGV
CGSLFNSAEKINYFYPYMEKYYNENFKV
;
_entity_poly.pdbx_strand_id   A,B
#
loop_
_chem_comp.id
_chem_comp.type
_chem_comp.name
_chem_comp.formula
EDO non-polymer 1,2-ETHANEDIOL 'C2 H6 O2'
PEG non-polymer DI(HYDROXYETHYL)ETHER 'C4 H10 O3'
SAH non-polymer S-ADENOSYL-L-HOMOCYSTEINE 'C14 H20 N6 O5 S'
SF4 non-polymer 'IRON/SULFUR CLUSTER' 'Fe4 S4'
#
# COMPACT_ATOMS: atom_id res chain seq x y z
N TYR A 21 14.40 21.66 -13.90
CA TYR A 21 14.74 23.02 -13.48
C TYR A 21 15.91 23.00 -12.51
N PHE A 22 16.91 22.13 -12.79
CA PHE A 22 18.09 21.79 -11.98
C PHE A 22 17.62 21.28 -10.61
N GLN A 23 17.30 22.19 -9.67
CA GLN A 23 16.78 21.80 -8.36
C GLN A 23 15.26 21.70 -8.47
N GLY A 24 14.80 20.49 -8.73
CA GLY A 24 13.37 20.23 -8.85
C GLY A 24 12.71 19.92 -7.51
N HIS A 25 13.51 19.35 -6.59
CA HIS A 25 13.15 18.86 -5.25
C HIS A 25 11.84 18.09 -5.21
N MET A 26 11.94 16.77 -5.42
CA MET A 26 10.78 15.90 -5.27
C MET A 26 10.85 15.25 -3.86
N TYR A 27 11.40 15.99 -2.86
CA TYR A 27 11.56 15.61 -1.45
C TYR A 27 10.94 16.65 -0.50
N ASN A 28 10.35 17.74 -1.03
CA ASN A 28 9.78 18.76 -0.20
C ASN A 28 8.27 18.59 0.03
N LYS A 29 7.69 17.43 -0.32
CA LYS A 29 6.25 17.18 -0.14
C LYS A 29 5.92 16.40 1.12
N THR A 30 6.89 15.72 1.73
CA THR A 30 6.68 14.99 2.97
C THR A 30 7.81 15.27 3.95
N VAL A 31 7.52 15.14 5.24
CA VAL A 31 8.54 15.27 6.28
C VAL A 31 8.12 14.37 7.45
N SER A 32 9.08 13.75 8.12
CA SER A 32 8.80 12.96 9.30
C SER A 32 9.48 13.60 10.50
N ILE A 33 8.86 13.48 11.67
CA ILE A 33 9.48 13.95 12.90
C ILE A 33 9.43 12.82 13.91
N ASN A 34 10.57 12.50 14.47
CA ASN A 34 10.68 11.46 15.49
C ASN A 34 10.59 12.17 16.83
N LEU A 35 9.42 12.04 17.49
CA LEU A 35 9.09 12.75 18.71
C LEU A 35 9.87 12.41 19.96
N ASP A 36 10.31 11.16 20.12
CA ASP A 36 10.99 10.75 21.31
C ASP A 36 11.55 9.35 21.12
N SER A 37 12.63 9.00 21.82
CA SER A 37 13.14 7.62 21.81
C SER A 37 12.42 6.77 22.89
N ARG A 38 11.72 7.41 23.85
CA ARG A 38 11.05 6.73 24.93
C ARG A 38 9.94 5.86 24.38
N CYS A 39 9.80 4.67 24.93
CA CYS A 39 8.77 3.74 24.48
C CYS A 39 8.35 2.88 25.69
N ASN A 40 7.10 2.43 25.71
CA ASN A 40 6.64 1.51 26.78
C ASN A 40 7.27 0.11 26.56
N ALA A 41 7.67 -0.20 25.31
CA ALA A 41 8.26 -1.50 24.94
C ALA A 41 9.81 -1.45 24.99
N SER A 42 10.47 -2.61 24.90
CA SER A 42 11.92 -2.68 24.85
C SER A 42 12.27 -3.81 23.87
N CYS A 43 11.72 -3.74 22.65
CA CYS A 43 11.90 -4.72 21.59
C CYS A 43 13.36 -5.06 21.36
N ASP A 44 13.66 -6.39 21.28
CA ASP A 44 15.03 -6.89 21.12
C ASP A 44 15.67 -6.60 19.78
N HIS A 45 14.88 -6.15 18.79
CA HIS A 45 15.41 -5.79 17.50
C HIS A 45 15.55 -4.27 17.33
N CYS A 46 15.00 -3.48 18.24
CA CYS A 46 14.85 -2.04 18.05
C CYS A 46 16.06 -1.31 17.55
N CYS A 47 15.94 -0.74 16.35
CA CYS A 47 17.01 0.05 15.76
C CYS A 47 17.40 1.26 16.62
N PHE A 48 16.46 1.78 17.41
CA PHE A 48 16.71 2.92 18.30
C PHE A 48 17.05 2.49 19.73
N SER A 49 17.01 1.17 20.04
CA SER A 49 17.20 0.63 21.39
C SER A 49 16.25 1.32 22.39
N SER A 50 15.03 1.69 21.92
CA SER A 50 13.99 2.36 22.67
C SER A 50 13.58 1.54 23.88
N SER A 51 13.22 2.23 24.97
CA SER A 51 12.82 1.60 26.24
C SER A 51 12.15 2.68 27.11
N PRO A 52 11.45 2.31 28.22
CA PRO A 52 10.91 3.34 29.11
C PRO A 52 11.97 4.26 29.70
N THR A 53 13.26 3.88 29.69
CA THR A 53 14.32 4.71 30.26
C THR A 53 15.13 5.48 29.21
N SER A 54 14.70 5.48 27.93
CA SER A 54 15.44 6.21 26.88
C SER A 54 15.27 7.70 27.03
N THR A 55 16.37 8.45 26.98
CA THR A 55 16.31 9.89 27.22
C THR A 55 16.57 10.76 25.99
N THR A 56 16.90 10.15 24.83
CA THR A 56 17.22 10.94 23.63
C THR A 56 15.95 11.52 23.01
N ARG A 57 15.88 12.84 22.96
CA ARG A 57 14.78 13.52 22.32
C ARG A 57 15.06 15.00 22.11
N MET A 58 14.39 15.59 21.14
N MET A 58 14.45 15.57 21.09
CA MET A 58 14.45 17.03 20.92
CA MET A 58 14.50 17.02 20.88
C MET A 58 13.46 17.64 21.93
C MET A 58 13.53 17.61 21.96
N GLU A 59 13.73 18.87 22.39
CA GLU A 59 12.84 19.52 23.36
C GLU A 59 11.45 19.74 22.79
N LYS A 60 10.42 19.67 23.64
CA LYS A 60 9.01 19.83 23.24
C LYS A 60 8.74 21.15 22.53
N GLU A 61 9.29 22.25 23.04
CA GLU A 61 9.09 23.56 22.43
C GLU A 61 9.72 23.62 21.06
N TYR A 62 10.88 23.01 20.90
CA TYR A 62 11.60 22.94 19.64
C TYR A 62 10.74 22.17 18.62
N ILE A 63 10.13 21.05 19.04
CA ILE A 63 9.24 20.27 18.19
C ILE A 63 8.00 21.08 17.78
N ARG A 64 7.42 21.88 18.71
CA ARG A 64 6.26 22.73 18.41
C ARG A 64 6.58 23.70 17.29
N GLU A 65 7.79 24.27 17.34
CA GLU A 65 8.28 25.22 16.34
C GLU A 65 8.46 24.54 15.00
N LEU A 66 9.04 23.33 14.99
CA LEU A 66 9.25 22.55 13.76
C LEU A 66 7.92 22.26 13.12
N VAL A 67 6.95 21.73 13.89
CA VAL A 67 5.62 21.38 13.40
C VAL A 67 4.87 22.59 12.86
N THR A 68 4.99 23.74 13.54
CA THR A 68 4.33 24.98 13.11
C THR A 68 4.89 25.39 11.74
N GLU A 69 6.20 25.33 11.58
CA GLU A 69 6.88 25.63 10.33
C GLU A 69 6.44 24.66 9.20
N PHE A 70 6.37 23.34 9.50
CA PHE A 70 5.94 22.35 8.50
C PHE A 70 4.48 22.57 8.10
N ALA A 71 3.62 22.96 9.06
CA ALA A 71 2.22 23.22 8.77
C ALA A 71 2.09 24.45 7.88
N LYS A 72 2.89 25.50 8.14
CA LYS A 72 2.82 26.73 7.35
C LYS A 72 3.49 26.59 5.96
N ASN A 73 4.39 25.62 5.81
CA ASN A 73 5.13 25.41 4.57
C ASN A 73 4.17 25.05 3.45
N LYS A 74 4.28 25.73 2.30
CA LYS A 74 3.35 25.50 1.20
C LYS A 74 3.56 24.24 0.40
N THR A 75 4.76 23.65 0.38
CA THR A 75 4.99 22.42 -0.39
C THR A 75 4.70 21.18 0.36
N ILE A 76 4.91 21.17 1.69
CA ILE A 76 4.61 19.99 2.49
C ILE A 76 3.15 19.61 2.42
N GLN A 77 2.89 18.37 2.07
CA GLN A 77 1.56 17.82 1.99
C GLN A 77 1.32 16.83 3.14
N VAL A 78 2.34 16.03 3.49
CA VAL A 78 2.20 15.01 4.50
C VAL A 78 3.24 15.19 5.62
N ILE A 79 2.79 15.15 6.88
CA ILE A 79 3.64 15.19 8.06
C ILE A 79 3.50 13.85 8.79
N SER A 80 4.60 13.13 9.03
CA SER A 80 4.56 11.85 9.69
C SER A 80 5.19 11.90 11.05
N PHE A 81 4.65 11.16 11.98
CA PHE A 81 5.17 11.13 13.34
C PHE A 81 5.59 9.71 13.69
N THR A 82 6.76 9.58 14.32
CA THR A 82 7.29 8.29 14.76
C THR A 82 8.10 8.47 16.06
N GLY A 83 8.56 7.38 16.66
CA GLY A 83 9.36 7.40 17.87
C GLY A 83 10.37 6.27 17.85
N GLY A 84 10.48 5.49 18.93
CA GLY A 84 9.68 5.68 20.15
C GLY A 84 8.21 5.36 19.95
N GLU A 85 7.40 5.54 21.01
CA GLU A 85 5.98 5.31 20.89
C GLU A 85 5.25 6.67 20.99
N VAL A 86 4.75 7.20 19.86
CA VAL A 86 4.11 8.52 19.85
C VAL A 86 2.84 8.60 20.65
N PHE A 87 2.11 7.48 20.83
CA PHE A 87 0.87 7.53 21.64
C PHE A 87 1.13 7.49 23.16
N LEU A 88 2.39 7.37 23.59
CA LEU A 88 2.75 7.34 25.00
C LEU A 88 2.46 8.71 25.61
N ASP A 89 2.80 9.79 24.91
CA ASP A 89 2.47 11.13 25.40
C ASP A 89 1.45 11.63 24.40
N TYR A 90 0.25 11.06 24.50
CA TYR A 90 -0.81 11.35 23.55
C TYR A 90 -1.25 12.80 23.60
N LYS A 91 -1.24 13.41 24.77
CA LYS A 91 -1.61 14.83 24.92
C LYS A 91 -0.73 15.74 24.02
N PHE A 92 0.58 15.42 23.94
CA PHE A 92 1.50 16.20 23.09
C PHE A 92 1.27 15.91 21.61
N LEU A 93 1.07 14.64 21.24
CA LEU A 93 0.76 14.26 19.87
C LEU A 93 -0.51 14.97 19.38
N LYS A 94 -1.57 14.96 20.20
CA LYS A 94 -2.83 15.62 19.84
C LYS A 94 -2.61 17.13 19.71
N GLU A 95 -1.81 17.70 20.60
CA GLU A 95 -1.47 19.11 20.53
C GLU A 95 -0.77 19.47 19.19
N LEU A 96 0.18 18.63 18.71
CA LEU A 96 0.89 18.83 17.44
C LEU A 96 -0.08 18.66 16.25
N MET A 97 -0.95 17.64 16.31
CA MET A 97 -1.99 17.45 15.27
C MET A 97 -2.94 18.64 15.21
N GLU A 98 -3.22 19.29 16.34
CA GLU A 98 -4.07 20.47 16.34
CA GLU A 98 -4.08 20.47 16.37
C GLU A 98 -3.38 21.70 15.74
N ILE A 99 -2.04 21.79 15.86
CA ILE A 99 -1.29 22.89 15.23
C ILE A 99 -1.43 22.77 13.70
N ILE A 100 -1.33 21.55 13.18
CA ILE A 100 -1.44 21.27 11.76
C ILE A 100 -2.85 21.48 11.19
N LYS A 101 -3.89 21.09 11.94
CA LYS A 101 -5.29 21.15 11.52
C LYS A 101 -5.71 22.42 10.71
N PRO A 102 -5.52 23.68 11.15
CA PRO A 102 -5.96 24.82 10.32
C PRO A 102 -5.29 24.90 8.95
N TYR A 103 -4.12 24.27 8.82
CA TYR A 103 -3.36 24.25 7.57
C TYR A 103 -3.70 23.07 6.65
N GLU A 104 -4.52 22.12 7.14
CA GLU A 104 -5.07 21.00 6.40
C GLU A 104 -4.03 20.09 5.77
N LYS A 105 -2.92 19.83 6.47
CA LYS A 105 -1.94 18.87 5.97
C LYS A 105 -2.41 17.46 6.30
N GLN A 106 -1.95 16.46 5.55
CA GLN A 106 -2.25 15.07 5.82
C GLN A 106 -1.25 14.56 6.86
N ILE A 107 -1.70 13.65 7.76
CA ILE A 107 -0.80 13.12 8.79
C ILE A 107 -0.72 11.61 8.75
N THR A 108 0.49 11.05 8.97
CA THR A 108 0.60 9.59 9.10
C THR A 108 1.19 9.28 10.49
N LEU A 109 0.79 8.14 11.06
CA LEU A 109 1.26 7.73 12.37
C LEU A 109 1.70 6.28 12.32
N ILE A 110 2.64 5.94 13.19
CA ILE A 110 3.08 4.55 13.34
C ILE A 110 3.14 4.29 14.86
N SER A 111 2.62 3.13 15.28
CA SER A 111 2.52 2.85 16.70
C SER A 111 2.61 1.37 16.98
N ASN A 112 3.05 1.04 18.18
CA ASN A 112 3.02 -0.35 18.63
C ASN A 112 1.60 -0.77 19.14
N GLY A 113 0.64 0.16 19.13
CA GLY A 113 -0.74 -0.11 19.49
C GLY A 113 -1.00 -0.52 20.94
N PHE A 114 -0.10 -0.15 21.89
CA PHE A 114 -0.33 -0.49 23.31
C PHE A 114 -1.69 0.04 23.82
N TRP A 115 -2.10 1.18 23.26
CA TRP A 115 -3.33 1.87 23.63
C TRP A 115 -4.60 1.14 23.23
N GLY A 116 -4.47 0.07 22.45
CA GLY A 116 -5.61 -0.68 21.99
C GLY A 116 -6.29 -1.52 23.06
N LEU A 117 -5.68 -1.62 24.25
CA LEU A 117 -6.22 -2.41 25.33
C LEU A 117 -7.66 -2.00 25.73
N SER A 118 -7.97 -0.72 25.74
CA SER A 118 -9.31 -0.25 26.06
C SER A 118 -10.02 0.06 24.75
N LYS A 119 -11.15 -0.59 24.48
CA LYS A 119 -11.95 -0.28 23.30
C LYS A 119 -12.43 1.18 23.36
N LYS A 120 -12.69 1.71 24.58
CA LYS A 120 -13.11 3.10 24.77
C LYS A 120 -12.00 4.08 24.34
N LYS A 121 -10.74 3.74 24.66
CA LYS A 121 -9.60 4.56 24.28
C LYS A 121 -9.41 4.52 22.76
N VAL A 122 -9.57 3.33 22.17
CA VAL A 122 -9.48 3.13 20.73
C VAL A 122 -10.53 4.01 20.04
N GLN A 123 -11.78 4.01 20.55
CA GLN A 123 -12.81 4.88 19.96
C GLN A 123 -12.46 6.36 20.06
N GLU A 124 -11.84 6.81 21.16
CA GLU A 124 -11.45 8.23 21.32
C GLU A 124 -10.32 8.58 20.34
N TYR A 125 -9.29 7.72 20.26
CA TYR A 125 -8.15 8.00 19.39
C TYR A 125 -8.55 7.99 17.92
N PHE A 126 -9.40 7.05 17.50
CA PHE A 126 -9.86 7.02 16.11
C PHE A 126 -10.71 8.21 15.79
N HIS A 127 -11.50 8.70 16.75
CA HIS A 127 -12.32 9.92 16.53
C HIS A 127 -11.39 11.11 16.28
N ASP A 128 -10.32 11.21 17.08
CA ASP A 128 -9.36 12.28 16.94
C ASP A 128 -8.60 12.20 15.64
N MET A 129 -8.06 11.01 15.30
CA MET A 129 -7.30 10.80 14.08
C MET A 129 -8.13 11.17 12.84
N ASN A 130 -9.40 10.74 12.80
CA ASN A 130 -10.28 11.05 11.69
C ASN A 130 -10.59 12.54 11.58
N SER A 131 -10.75 13.22 12.72
CA SER A 131 -11.02 14.65 12.68
C SER A 131 -9.76 15.50 12.50
N LEU A 132 -8.56 14.92 12.64
CA LEU A 132 -7.30 15.65 12.49
C LEU A 132 -6.53 15.31 11.21
N ASN A 133 -7.21 14.73 10.20
N ASN A 133 -7.21 14.74 10.20
CA ASN A 133 -6.63 14.41 8.90
CA ASN A 133 -6.65 14.40 8.88
C ASN A 133 -5.51 13.36 8.92
C ASN A 133 -5.54 13.35 8.89
N VAL A 134 -5.66 12.34 9.76
CA VAL A 134 -4.68 11.25 9.78
C VAL A 134 -5.14 10.34 8.61
N ILE A 135 -4.29 10.18 7.61
CA ILE A 135 -4.66 9.36 6.42
C ILE A 135 -4.11 7.94 6.50
N ALA A 136 -3.18 7.67 7.44
CA ALA A 136 -2.57 6.35 7.49
C ALA A 136 -2.13 6.08 8.86
N LEU A 137 -2.37 4.87 9.31
CA LEU A 137 -1.90 4.44 10.61
C LEU A 137 -1.27 3.05 10.41
N THR A 138 -0.01 2.92 10.81
CA THR A 138 0.69 1.65 10.74
C THR A 138 0.83 1.12 12.16
N ILE A 139 0.47 -0.13 12.36
CA ILE A 139 0.61 -0.78 13.66
C ILE A 139 1.70 -1.81 13.51
N SER A 140 2.65 -1.85 14.42
CA SER A 140 3.71 -2.83 14.40
C SER A 140 3.39 -3.89 15.41
N TYR A 141 3.35 -5.15 14.98
CA TYR A 141 3.13 -6.25 15.89
C TYR A 141 3.84 -7.45 15.32
N ASP A 142 4.53 -8.18 16.19
CA ASP A 142 5.32 -9.36 15.83
C ASP A 142 5.80 -10.02 17.13
N GLU A 143 6.60 -11.10 17.05
CA GLU A 143 7.10 -11.78 18.25
C GLU A 143 8.04 -10.92 19.10
N TYR A 144 8.61 -9.89 18.51
CA TYR A 144 9.51 -8.97 19.21
C TYR A 144 8.74 -7.96 20.05
N HIS A 145 7.57 -7.52 19.56
CA HIS A 145 6.66 -6.58 20.22
C HIS A 145 5.73 -7.33 21.21
N ALA A 146 5.40 -8.62 20.93
CA ALA A 146 4.46 -9.43 21.71
C ALA A 146 4.69 -9.45 23.24
N PRO A 147 5.93 -9.49 23.79
CA PRO A 147 6.06 -9.46 25.27
C PRO A 147 5.56 -8.15 25.90
N PHE A 148 5.37 -7.09 25.12
CA PHE A 148 5.02 -5.76 25.60
C PHE A 148 3.59 -5.31 25.34
N VAL A 149 2.94 -5.86 24.29
CA VAL A 149 1.58 -5.49 23.91
C VAL A 149 0.79 -6.77 23.69
N LYS A 150 -0.41 -6.85 24.25
CA LYS A 150 -1.26 -8.03 24.09
C LYS A 150 -1.88 -8.10 22.71
N SER A 151 -2.09 -9.31 22.20
CA SER A 151 -2.72 -9.57 20.93
C SER A 151 -4.11 -8.92 20.84
N SER A 152 -4.92 -9.02 21.91
CA SER A 152 -6.27 -8.41 21.96
C SER A 152 -6.23 -6.90 21.73
N SER A 153 -5.15 -6.23 22.17
CA SER A 153 -4.99 -4.80 21.98
C SER A 153 -4.86 -4.47 20.50
N ILE A 154 -4.08 -5.28 19.75
CA ILE A 154 -3.92 -5.09 18.32
C ILE A 154 -5.26 -5.35 17.61
N LYS A 155 -5.96 -6.44 18.01
CA LYS A 155 -7.25 -6.78 17.42
C LYS A 155 -8.26 -5.66 17.59
N ASN A 156 -8.30 -5.01 18.77
CA ASN A 156 -9.24 -3.91 18.99
C ASN A 156 -9.00 -2.75 18.03
N ILE A 157 -7.74 -2.41 17.80
CA ILE A 157 -7.41 -1.33 16.89
C ILE A 157 -7.79 -1.70 15.44
N LEU A 158 -7.37 -2.88 14.98
CA LEU A 158 -7.66 -3.32 13.64
C LEU A 158 -9.15 -3.44 13.36
N GLU A 159 -9.93 -3.95 14.33
CA GLU A 159 -11.37 -4.07 14.18
C GLU A 159 -12.04 -2.73 14.13
N HIS A 160 -11.65 -1.79 15.01
CA HIS A 160 -12.28 -0.46 15.03
C HIS A 160 -11.94 0.36 13.79
N SER A 161 -10.78 0.13 13.19
CA SER A 161 -10.35 0.87 12.01
C SER A 161 -11.31 0.68 10.82
N ARG A 162 -12.11 -0.40 10.80
CA ARG A 162 -13.11 -0.63 9.75
C ARG A 162 -14.16 0.48 9.72
N LYS A 163 -14.39 1.17 10.85
CA LYS A 163 -15.36 2.26 10.90
C LYS A 163 -14.80 3.55 10.27
N TYR A 164 -13.49 3.57 9.94
CA TYR A 164 -12.80 4.72 9.39
C TYR A 164 -12.12 4.36 8.07
N PRO A 165 -12.90 4.21 7.00
CA PRO A 165 -12.31 3.83 5.71
C PRO A 165 -11.34 4.84 5.12
N ASP A 166 -11.32 6.11 5.58
CA ASP A 166 -10.35 7.10 5.07
C ASP A 166 -8.97 6.97 5.73
N ILE A 167 -8.82 6.09 6.72
CA ILE A 167 -7.53 5.88 7.37
C ILE A 167 -6.98 4.59 6.82
N ASP A 168 -5.88 4.67 6.08
CA ASP A 168 -5.24 3.49 5.52
C ASP A 168 -4.53 2.74 6.64
N ILE A 169 -4.92 1.50 6.89
CA ILE A 169 -4.34 0.70 7.95
C ILE A 169 -3.38 -0.35 7.43
N SER A 170 -2.19 -0.43 8.07
CA SER A 170 -1.13 -1.39 7.76
C SER A 170 -0.69 -2.11 9.02
N LEU A 171 -0.25 -3.35 8.88
CA LEU A 171 0.35 -4.10 9.98
C LEU A 171 1.78 -4.43 9.55
N ASN A 172 2.79 -3.94 10.26
CA ASN A 172 4.17 -4.23 9.90
C ASN A 172 4.76 -5.19 10.90
N MET A 173 5.30 -6.31 10.41
CA MET A 173 5.81 -7.37 11.26
C MET A 173 7.27 -7.60 10.98
N ALA A 174 8.13 -7.34 11.96
CA ALA A 174 9.56 -7.53 11.85
C ALA A 174 9.84 -8.99 12.23
N VAL A 175 10.50 -9.75 11.34
CA VAL A 175 10.72 -11.17 11.59
C VAL A 175 12.18 -11.61 11.45
N THR A 176 12.48 -12.77 12.03
CA THR A 176 13.75 -13.47 11.90
C THR A 176 13.40 -14.95 11.61
N LYS A 177 14.39 -15.75 11.18
CA LYS A 177 14.15 -17.17 10.88
C LYS A 177 13.53 -17.96 12.03
N ASP A 178 13.91 -17.64 13.28
CA ASP A 178 13.41 -18.32 14.49
C ASP A 178 12.08 -17.71 15.01
N LYS A 179 11.70 -16.50 14.54
CA LYS A 179 10.48 -15.79 14.94
C LYS A 179 9.79 -15.22 13.69
N MET A 180 9.07 -16.07 12.94
CA MET A 180 8.44 -15.66 11.69
C MET A 180 7.01 -15.10 11.86
N SER A 181 6.53 -14.94 13.10
CA SER A 181 5.20 -14.41 13.39
C SER A 181 4.06 -15.22 12.79
N ASN A 182 4.23 -16.53 12.56
CA ASN A 182 3.16 -17.35 11.97
C ASN A 182 2.01 -17.49 12.93
N HIS A 183 2.26 -17.77 14.21
CA HIS A 183 1.17 -17.87 15.18
C HIS A 183 0.58 -16.52 15.55
N ILE A 184 1.38 -15.44 15.51
CA ILE A 184 0.86 -14.08 15.78
C ILE A 184 -0.30 -13.73 14.83
N LEU A 185 -0.14 -13.94 13.52
CA LEU A 185 -1.21 -13.66 12.57
C LEU A 185 -2.45 -14.46 12.83
N GLU A 186 -2.29 -15.75 13.19
CA GLU A 186 -3.42 -16.60 13.47
C GLU A 186 -4.18 -16.09 14.70
N GLU A 187 -3.49 -15.70 15.78
CA GLU A 187 -4.18 -15.25 16.98
C GLU A 187 -4.95 -13.94 16.74
N LEU A 188 -4.51 -13.10 15.77
CA LEU A 188 -5.22 -11.86 15.40
C LEU A 188 -6.63 -12.12 14.77
N GLY A 189 -6.90 -13.35 14.37
CA GLY A 189 -8.17 -13.79 13.82
C GLY A 189 -8.58 -13.00 12.59
N ASP A 190 -9.87 -12.70 12.48
CA ASP A 190 -10.37 -11.91 11.36
C ASP A 190 -10.12 -10.42 11.49
N SER A 191 -9.46 -9.96 12.56
CA SER A 191 -9.19 -8.53 12.74
C SER A 191 -8.27 -7.98 11.63
N ILE A 192 -7.51 -8.86 10.94
CA ILE A 192 -6.59 -8.45 9.88
C ILE A 192 -7.26 -8.40 8.49
N LEU A 193 -8.55 -8.75 8.36
CA LEU A 193 -9.21 -8.69 7.05
C LEU A 193 -9.22 -7.22 6.54
N GLY A 194 -8.72 -7.03 5.32
CA GLY A 194 -8.61 -5.70 4.72
C GLY A 194 -7.39 -4.89 5.14
N VAL A 195 -6.56 -5.44 6.00
CA VAL A 195 -5.35 -4.77 6.47
C VAL A 195 -4.16 -5.19 5.62
N LYS A 196 -3.35 -4.22 5.14
CA LYS A 196 -2.12 -4.54 4.41
C LYS A 196 -1.05 -5.02 5.40
N ILE A 197 -0.68 -6.28 5.32
CA ILE A 197 0.34 -6.84 6.20
C ILE A 197 1.65 -6.92 5.44
N THR A 198 2.75 -6.48 6.07
CA THR A 198 4.06 -6.63 5.47
C THR A 198 4.97 -7.23 6.50
N LYS A 199 5.55 -8.40 6.19
CA LYS A 199 6.56 -9.01 7.04
C LYS A 199 7.88 -8.62 6.42
N PHE A 200 8.83 -8.16 7.23
CA PHE A 200 10.11 -7.70 6.71
C PHE A 200 11.27 -8.21 7.55
N PRO A 201 12.43 -8.38 6.93
CA PRO A 201 13.59 -8.86 7.70
C PRO A 201 14.21 -7.75 8.56
N MET A 202 15.16 -8.13 9.42
CA MET A 202 15.85 -7.17 10.28
C MET A 202 16.95 -6.43 9.64
N ILE A 203 17.10 -5.18 10.02
CA ILE A 203 18.29 -4.41 9.71
C ILE A 203 19.18 -4.65 10.97
N SER A 204 20.44 -5.02 10.77
CA SER A 204 21.34 -5.26 11.88
C SER A 204 21.89 -3.92 12.41
N VAL A 205 21.06 -3.22 13.20
CA VAL A 205 21.36 -1.95 13.86
C VAL A 205 20.67 -1.95 15.22
N GLY A 206 21.15 -1.10 16.13
CA GLY A 206 20.58 -0.96 17.47
C GLY A 206 20.58 -2.26 18.23
N ALA A 207 19.47 -2.55 18.95
CA ALA A 207 19.37 -3.78 19.74
C ALA A 207 19.47 -5.04 18.89
N ALA A 208 19.11 -4.98 17.59
CA ALA A 208 19.24 -6.16 16.72
C ALA A 208 20.70 -6.62 16.53
N LYS A 209 21.68 -5.71 16.72
CA LYS A 209 23.09 -6.05 16.56
C LYS A 209 23.58 -6.97 17.65
N THR A 210 23.10 -6.77 18.90
CA THR A 210 23.60 -7.54 20.04
C THR A 210 22.62 -8.54 20.62
N ARG A 211 21.31 -8.38 20.35
CA ARG A 211 20.33 -9.30 20.92
C ARG A 211 19.77 -10.34 19.96
N ILE A 212 20.20 -10.33 18.69
CA ILE A 212 19.71 -11.30 17.71
C ILE A 212 20.90 -11.95 17.04
N LYS A 213 20.88 -13.30 16.91
CA LYS A 213 21.95 -14.02 16.25
C LYS A 213 21.90 -13.67 14.77
N GLN A 214 23.06 -13.30 14.19
CA GLN A 214 23.17 -12.93 12.78
C GLN A 214 22.65 -14.02 11.86
N GLU A 215 22.81 -15.30 12.26
CA GLU A 215 22.31 -16.44 11.51
C GLU A 215 20.79 -16.46 11.38
N ASN A 216 20.07 -15.80 12.29
CA ASN A 216 18.62 -15.74 12.22
C ASN A 216 18.12 -14.60 11.34
N ILE A 217 18.99 -13.69 10.87
CA ILE A 217 18.59 -12.59 10.03
C ILE A 217 18.64 -13.06 8.59
N HIS A 218 17.52 -12.98 7.86
CA HIS A 218 17.46 -13.40 6.45
C HIS A 218 18.47 -12.62 5.63
N LYS A 219 19.23 -13.32 4.78
CA LYS A 219 20.22 -12.69 3.92
C LYS A 219 19.72 -12.80 2.50
N PHE A 220 19.35 -11.69 1.90
CA PHE A 220 18.82 -11.66 0.54
C PHE A 220 19.75 -11.08 -0.49
N TYR A 221 20.76 -10.34 -0.07
CA TYR A 221 21.66 -9.66 -0.99
C TYR A 221 23.12 -9.89 -0.63
N SER A 222 24.01 -9.72 -1.60
N SER A 222 24.01 -9.76 -1.61
CA SER A 222 25.46 -9.92 -1.40
CA SER A 222 25.46 -9.96 -1.41
C SER A 222 26.27 -8.82 -2.09
C SER A 222 26.29 -8.87 -2.13
N LEU A 223 27.57 -8.74 -1.77
CA LEU A 223 28.46 -7.74 -2.39
C LEU A 223 28.67 -7.86 -3.91
N GLU A 224 28.25 -8.98 -4.52
CA GLU A 224 28.43 -9.22 -5.95
C GLU A 224 27.23 -8.83 -6.82
N ASP A 225 25.99 -8.89 -6.31
CA ASP A 225 24.84 -8.49 -7.12
C ASP A 225 24.63 -6.97 -7.12
N GLU A 226 25.63 -6.24 -7.65
CA GLU A 226 25.68 -4.78 -7.72
C GLU A 226 24.54 -4.13 -8.52
N ASP A 227 23.87 -4.89 -9.41
CA ASP A 227 22.82 -4.31 -10.21
C ASP A 227 21.55 -4.03 -9.38
N SER A 228 21.32 -4.80 -8.30
CA SER A 228 20.16 -4.61 -7.44
C SER A 228 20.41 -3.63 -6.29
N LEU A 229 21.63 -3.10 -6.14
CA LEU A 229 21.98 -2.24 -5.03
C LEU A 229 21.74 -0.75 -5.32
N HIS A 230 20.49 -0.34 -5.18
CA HIS A 230 20.06 1.03 -5.37
C HIS A 230 19.20 1.45 -4.20
N CYS A 231 19.40 2.66 -3.69
CA CYS A 231 18.64 3.21 -2.58
C CYS A 231 17.16 3.32 -3.02
N PRO A 232 16.20 2.84 -2.20
CA PRO A 232 14.79 2.93 -2.59
C PRO A 232 14.25 4.36 -2.77
N GLY A 233 14.91 5.35 -2.15
CA GLY A 233 14.48 6.72 -2.28
C GLY A 233 14.60 7.55 -1.01
N TYR A 234 14.86 8.85 -1.17
CA TYR A 234 15.04 9.73 -0.02
C TYR A 234 13.71 10.27 0.49
N ALA A 235 13.63 10.60 1.78
CA ALA A 235 12.48 11.19 2.49
C ALA A 235 13.04 11.83 3.76
N ILE A 236 12.87 13.13 3.96
CA ILE A 236 13.48 13.84 5.09
C ILE A 236 12.91 13.48 6.47
N VAL A 237 13.79 13.16 7.44
N VAL A 237 13.78 13.14 7.45
CA VAL A 237 13.37 12.87 8.80
CA VAL A 237 13.27 12.86 8.80
C VAL A 237 14.11 13.71 9.82
C VAL A 237 14.09 13.66 9.83
N TYR A 238 13.39 14.38 10.69
CA TYR A 238 13.97 15.16 11.78
C TYR A 238 13.97 14.18 12.95
N HIS A 239 15.14 13.62 13.27
CA HIS A 239 15.25 12.53 14.23
C HIS A 239 15.38 12.97 15.67
N HIS A 240 15.06 12.05 16.63
CA HIS A 240 15.09 12.35 18.06
C HIS A 240 16.50 12.62 18.58
N ASP A 241 17.56 12.28 17.82
CA ASP A 241 18.93 12.65 18.20
C ASP A 241 19.26 14.12 17.82
N GLY A 242 18.28 14.87 17.30
CA GLY A 242 18.49 16.24 16.88
C GLY A 242 19.09 16.37 15.49
N GLU A 243 19.42 15.24 14.82
CA GLU A 243 19.97 15.31 13.46
C GLU A 243 18.83 15.21 12.39
N ILE A 244 19.17 15.36 11.11
CA ILE A 244 18.20 15.29 9.99
C ILE A 244 18.75 14.26 9.02
N TYR A 245 17.97 13.20 8.77
CA TYR A 245 18.40 12.14 7.89
C TYR A 245 17.68 12.18 6.54
N PRO A 246 18.34 11.66 5.48
CA PRO A 246 17.75 11.69 4.14
C PRO A 246 16.73 10.59 3.87
N CYS A 247 16.46 9.68 4.83
CA CYS A 247 15.46 8.63 4.65
C CYS A 247 15.02 8.18 6.05
N CSS A 248 14.04 7.25 6.14
N CSS A 248 14.07 7.24 6.13
CA CSS A 248 13.57 6.75 7.45
CA CSS A 248 13.60 6.75 7.44
CB CSS A 248 12.04 6.93 7.83
CB CSS A 248 12.11 6.89 7.71
SG CSS A 248 11.67 7.05 9.67
SG CSS A 248 11.16 6.19 6.37
SD CSS A 248 10.07 8.27 9.43
SD CSS A 248 10.38 8.08 6.41
C CSS A 248 13.94 5.27 7.67
C CSS A 248 13.97 5.30 7.69
O CSS A 248 13.31 4.59 8.48
O CSS A 248 13.41 4.65 8.59
N SER A 249 14.93 4.77 6.92
CA SER A 249 15.36 3.40 7.07
C SER A 249 16.07 3.27 8.41
N PRO A 250 15.78 2.20 9.15
CA PRO A 250 16.50 1.95 10.42
C PRO A 250 18.01 2.05 10.31
N ALA A 251 18.55 1.76 9.12
CA ALA A 251 19.98 1.77 8.86
C ALA A 251 20.61 3.15 8.90
N ILE A 252 19.85 4.17 8.44
CA ILE A 252 20.39 5.52 8.34
C ILE A 252 20.81 6.16 9.64
N PHE A 253 20.13 5.83 10.75
CA PHE A 253 20.33 6.48 12.05
C PHE A 253 21.68 6.21 12.69
N GLU A 254 22.36 5.14 12.30
CA GLU A 254 23.72 4.88 12.78
C GLU A 254 24.79 5.43 11.79
N THR A 255 24.37 5.98 10.63
CA THR A 255 25.32 6.58 9.71
C THR A 255 25.65 7.99 10.19
N LYS A 256 26.70 8.56 9.63
CA LYS A 256 27.09 9.92 9.94
C LYS A 256 26.58 10.88 8.85
N ILE A 257 25.53 10.49 8.09
CA ILE A 257 24.97 11.37 7.08
C ILE A 257 23.92 12.23 7.75
N THR A 258 24.15 13.53 7.83
CA THR A 258 23.16 14.43 8.39
C THR A 258 22.96 15.62 7.46
N LEU A 259 21.73 16.09 7.42
CA LEU A 259 21.37 17.29 6.69
C LEU A 259 21.32 18.50 7.62
N ARG A 260 21.64 18.34 8.93
CA ARG A 260 21.63 19.47 9.83
C ARG A 260 22.99 20.19 9.89
N GLU A 261 22.97 21.50 9.71
CA GLU A 261 24.19 22.31 9.87
C GLU A 261 24.08 23.26 11.08
N GLU A 262 22.86 23.54 11.55
CA GLU A 262 22.66 24.42 12.69
C GLU A 262 21.34 24.12 13.40
N TYR A 263 21.21 24.57 14.65
CA TYR A 263 20.07 24.34 15.51
C TYR A 263 18.76 24.83 14.90
N ASN A 264 18.74 26.07 14.40
CA ASN A 264 17.52 26.63 13.81
C ASN A 264 17.71 26.68 12.30
N GLN A 265 17.36 25.61 11.65
CA GLN A 265 17.52 25.46 10.23
C GLN A 265 16.11 25.35 9.61
N SER A 266 15.86 26.07 8.50
CA SER A 266 14.55 25.95 7.85
C SER A 266 14.43 24.68 7.01
N PHE A 267 13.17 24.31 6.68
CA PHE A 267 12.93 23.15 5.82
C PHE A 267 13.42 23.46 4.39
N GLU A 268 13.32 24.72 3.94
CA GLU A 268 13.87 25.11 2.61
C GLU A 268 15.37 24.83 2.60
N ARG A 269 16.08 25.11 3.71
CA ARG A 269 17.50 24.87 3.78
C ARG A 269 17.80 23.37 3.84
N THR A 270 17.01 22.61 4.59
CA THR A 270 17.18 21.15 4.65
C THR A 270 17.01 20.53 3.26
N VAL A 271 15.98 20.97 2.51
CA VAL A 271 15.73 20.50 1.16
C VAL A 271 16.89 20.91 0.25
N GLU A 272 17.36 22.16 0.36
CA GLU A 272 18.47 22.63 -0.47
C GLU A 272 19.75 21.78 -0.20
N LYS A 273 19.99 21.45 1.07
CA LYS A 273 21.16 20.67 1.45
C LYS A 273 21.01 19.24 0.92
N LEU A 274 19.82 18.65 0.99
CA LEU A 274 19.59 17.31 0.45
C LEU A 274 19.88 17.30 -1.07
N ASN A 275 19.36 18.30 -1.80
CA ASN A 275 19.55 18.38 -3.24
C ASN A 275 20.97 18.70 -3.68
N SER A 276 21.76 19.33 -2.83
CA SER A 276 23.14 19.67 -3.19
C SER A 276 24.17 18.76 -2.48
N ASN A 277 23.74 17.70 -1.82
CA ASN A 277 24.65 16.80 -1.11
C ASN A 277 25.28 15.91 -2.15
N LEU A 278 26.59 16.06 -2.35
CA LEU A 278 27.31 15.33 -3.38
C LEU A 278 27.29 13.81 -3.16
N LEU A 279 27.51 13.35 -1.91
CA LEU A 279 27.47 11.91 -1.63
C LEU A 279 26.11 11.31 -1.99
N LEU A 280 25.02 11.99 -1.62
CA LEU A 280 23.68 11.50 -1.90
C LEU A 280 23.31 11.59 -3.37
N PHE A 281 23.89 12.58 -4.08
CA PHE A 281 23.67 12.72 -5.51
C PHE A 281 24.34 11.51 -6.20
N ILE A 282 25.59 11.23 -5.85
CA ILE A 282 26.34 10.12 -6.43
C ILE A 282 25.65 8.80 -6.09
N LEU A 283 25.22 8.61 -4.84
CA LEU A 283 24.51 7.39 -4.45
C LEU A 283 23.23 7.16 -5.31
N ARG A 284 22.44 8.22 -5.52
CA ARG A 284 21.21 8.11 -6.30
C ARG A 284 21.49 7.86 -7.80
N LYS A 285 22.47 8.57 -8.36
CA LYS A 285 22.80 8.44 -9.78
C LYS A 285 23.58 7.18 -10.14
N GLU A 286 24.56 6.83 -9.30
CA GLU A 286 25.46 5.72 -9.59
C GLU A 286 25.19 4.42 -8.87
N GLY A 287 24.41 4.48 -7.80
CA GLY A 287 24.15 3.28 -7.02
C GLY A 287 25.30 2.94 -6.08
N PHE A 288 25.04 2.01 -5.17
CA PHE A 288 26.02 1.53 -4.20
C PHE A 288 27.30 0.95 -4.81
N LYS A 289 27.24 0.50 -6.08
CA LYS A 289 28.45 -0.06 -6.71
C LYS A 289 29.55 0.98 -6.85
N TRP A 290 29.22 2.28 -6.97
CA TRP A 290 30.24 3.33 -7.08
C TRP A 290 31.13 3.32 -5.81
N PHE A 291 30.51 3.19 -4.65
CA PHE A 291 31.23 3.18 -3.37
C PHE A 291 31.89 1.84 -3.11
N LEU A 292 31.21 0.73 -3.40
CA LEU A 292 31.77 -0.60 -3.20
C LEU A 292 32.97 -0.83 -4.10
N ASN A 293 32.91 -0.32 -5.36
CA ASN A 293 34.05 -0.48 -6.26
C ASN A 293 35.27 0.29 -5.74
N ILE A 294 35.05 1.43 -5.05
CA ILE A 294 36.17 2.18 -4.48
C ILE A 294 36.84 1.38 -3.35
N LEU A 295 36.06 0.77 -2.47
CA LEU A 295 36.60 -0.01 -1.36
C LEU A 295 37.29 -1.23 -1.88
N LYS A 296 36.70 -1.91 -2.88
CA LYS A 296 37.32 -3.10 -3.47
C LYS A 296 38.64 -2.75 -4.16
N GLU A 297 38.66 -1.70 -5.00
CA GLU A 297 39.91 -1.34 -5.68
C GLU A 297 40.99 -0.88 -4.70
N ASN A 298 40.61 -0.43 -3.50
CA ASN A 298 41.57 -0.03 -2.47
C ASN A 298 41.74 -1.06 -1.35
N ASN A 299 41.18 -2.28 -1.55
CA ASN A 299 41.28 -3.41 -0.64
C ASN A 299 40.85 -3.04 0.79
N LYS A 300 39.71 -2.36 0.92
CA LYS A 300 39.19 -1.87 2.20
C LYS A 300 37.93 -2.57 2.67
N ILE A 301 37.43 -3.59 1.95
CA ILE A 301 36.19 -4.27 2.35
C ILE A 301 36.27 -4.85 3.77
N GLU A 302 37.36 -5.53 4.08
CA GLU A 302 37.53 -6.13 5.40
C GLU A 302 37.91 -5.10 6.46
N GLU A 303 38.76 -4.12 6.10
CA GLU A 303 39.14 -3.05 7.01
C GLU A 303 37.90 -2.23 7.44
N PHE A 304 36.93 -2.05 6.53
CA PHE A 304 35.73 -1.25 6.84
C PHE A 304 34.51 -2.12 7.23
N ASP A 305 34.76 -3.41 7.55
CA ASP A 305 33.77 -4.37 8.01
C ASP A 305 32.50 -4.39 7.18
N ILE A 306 32.63 -4.40 5.85
CA ILE A 306 31.48 -4.50 4.98
C ILE A 306 31.06 -5.98 5.04
N PRO A 307 29.83 -6.26 5.47
CA PRO A 307 29.38 -7.66 5.53
C PRO A 307 29.31 -8.25 4.13
N TYR A 308 29.54 -9.56 3.98
CA TYR A 308 29.46 -10.17 2.66
C TYR A 308 27.98 -10.27 2.23
N GLU A 309 27.08 -10.57 3.18
CA GLU A 309 25.64 -10.73 2.93
C GLU A 309 24.81 -9.79 3.78
N PHE A 310 23.61 -9.43 3.29
N PHE A 310 23.59 -9.48 3.32
CA PHE A 310 22.71 -8.47 3.94
CA PHE A 310 22.72 -8.53 4.03
C PHE A 310 21.24 -8.83 3.75
C PHE A 310 21.23 -8.78 3.73
N SER A 311 20.38 -8.35 4.64
CA SER A 311 18.93 -8.54 4.55
C SER A 311 18.22 -7.54 3.65
N SER A 312 18.86 -6.38 3.39
CA SER A 312 18.30 -5.35 2.53
C SER A 312 19.37 -4.42 1.98
N ILE A 313 19.06 -3.63 0.94
CA ILE A 313 20.05 -2.67 0.40
C ILE A 313 20.52 -1.68 1.49
N CYS A 314 19.62 -1.31 2.40
CA CYS A 314 19.97 -0.41 3.51
C CYS A 314 21.09 -0.95 4.39
N GLY A 315 21.28 -2.27 4.41
CA GLY A 315 22.35 -2.90 5.16
C GLY A 315 23.70 -2.52 4.62
N VAL A 316 23.82 -2.34 3.30
CA VAL A 316 25.08 -1.92 2.69
C VAL A 316 25.33 -0.48 3.09
N CYS A 317 24.28 0.37 2.96
CA CYS A 317 24.30 1.78 3.31
C CYS A 317 24.84 2.02 4.70
N GLY A 318 24.24 1.34 5.67
CA GLY A 318 24.64 1.45 7.05
C GLY A 318 26.09 1.09 7.28
N SER A 319 26.60 0.04 6.62
CA SER A 319 28.00 -0.36 6.78
C SER A 319 28.98 0.54 6.07
N LEU A 320 28.57 1.16 4.95
CA LEU A 320 29.47 2.04 4.21
C LEU A 320 29.68 3.36 4.90
N PHE A 321 28.64 3.89 5.57
CA PHE A 321 28.67 5.26 6.08
C PHE A 321 28.46 5.42 7.61
N ASN A 322 28.72 4.37 8.41
CA ASN A 322 28.50 4.44 9.85
C ASN A 322 29.71 4.86 10.68
N SER A 323 30.59 5.67 10.10
CA SER A 323 31.69 6.29 10.79
C SER A 323 32.26 7.43 9.95
N ALA A 324 32.86 8.40 10.63
CA ALA A 324 33.42 9.57 9.99
C ALA A 324 34.56 9.16 9.04
N GLU A 325 35.38 8.19 9.47
CA GLU A 325 36.51 7.68 8.70
C GLU A 325 36.04 7.00 7.41
N LYS A 326 34.96 6.24 7.49
CA LYS A 326 34.40 5.56 6.34
C LYS A 326 33.83 6.56 5.32
N ILE A 327 33.08 7.59 5.77
CA ILE A 327 32.50 8.63 4.88
C ILE A 327 33.58 9.51 4.25
N ASN A 328 34.54 9.96 5.09
CA ASN A 328 35.63 10.80 4.64
C ASN A 328 36.52 10.12 3.63
N TYR A 329 36.60 8.77 3.68
CA TYR A 329 37.44 7.99 2.75
C TYR A 329 36.99 8.25 1.30
N PHE A 330 35.70 8.45 1.08
CA PHE A 330 35.18 8.69 -0.25
C PHE A 330 35.36 10.11 -0.78
N TYR A 331 35.64 11.07 0.11
CA TYR A 331 35.74 12.48 -0.28
C TYR A 331 36.68 12.80 -1.47
N PRO A 332 37.94 12.27 -1.58
CA PRO A 332 38.76 12.57 -2.77
C PRO A 332 38.15 12.05 -4.06
N TYR A 333 37.46 10.89 -3.98
CA TYR A 333 36.81 10.25 -5.13
C TYR A 333 35.58 11.05 -5.55
N MET A 334 34.86 11.61 -4.59
CA MET A 334 33.70 12.45 -4.85
C MET A 334 34.14 13.77 -5.51
N GLU A 335 35.27 14.34 -5.06
CA GLU A 335 35.82 15.57 -5.62
C GLU A 335 36.22 15.32 -7.08
N LYS A 336 36.86 14.16 -7.36
CA LYS A 336 37.24 13.74 -8.70
C LYS A 336 35.99 13.61 -9.56
N TYR A 337 34.93 12.99 -9.04
CA TYR A 337 33.66 12.82 -9.75
C TYR A 337 33.02 14.18 -10.10
N TYR A 338 33.04 15.12 -9.18
CA TYR A 338 32.49 16.45 -9.38
C TYR A 338 33.25 17.19 -10.49
N ASN A 339 34.59 17.10 -10.45
CA ASN A 339 35.44 17.73 -11.45
C ASN A 339 35.24 17.09 -12.83
N GLU A 340 35.22 15.75 -12.90
CA GLU A 340 35.04 15.02 -14.17
C GLU A 340 33.67 15.33 -14.77
N ASN A 341 32.60 15.21 -13.99
CA ASN A 341 31.26 15.55 -14.45
C ASN A 341 31.01 17.04 -14.13
N PHE A 342 29.91 17.63 -14.63
CA PHE A 342 29.60 19.05 -14.38
C PHE A 342 30.65 19.99 -14.99
N LEU B 20 -7.25 28.75 -14.22
CA LEU B 20 -8.29 29.36 -15.07
C LEU B 20 -9.39 28.37 -15.53
N TYR B 21 -9.19 27.11 -15.19
CA TYR B 21 -10.09 26.01 -15.39
C TYR B 21 -10.15 25.33 -14.06
N PHE B 22 -11.32 25.34 -13.41
CA PHE B 22 -11.47 24.64 -12.15
C PHE B 22 -11.57 23.12 -12.41
N GLN B 23 -11.73 22.29 -11.38
CA GLN B 23 -11.74 20.84 -11.54
C GLN B 23 -12.74 20.37 -12.61
N GLY B 24 -12.23 19.59 -13.56
CA GLY B 24 -13.04 18.99 -14.63
C GLY B 24 -13.42 17.59 -14.21
N HIS B 25 -13.56 16.68 -15.18
CA HIS B 25 -13.97 15.32 -14.91
C HIS B 25 -12.99 14.59 -14.00
N MET B 26 -13.52 13.78 -13.13
CA MET B 26 -12.72 12.89 -12.29
C MET B 26 -12.76 11.49 -12.94
N TYR B 27 -12.00 10.55 -12.38
CA TYR B 27 -11.98 9.14 -12.74
C TYR B 27 -11.47 8.85 -14.13
N ASN B 28 -10.66 9.76 -14.68
CA ASN B 28 -10.14 9.59 -16.01
C ASN B 28 -8.65 9.29 -16.04
N LYS B 29 -8.02 8.96 -14.91
CA LYS B 29 -6.58 8.67 -14.89
C LYS B 29 -6.26 7.17 -14.90
N THR B 30 -7.25 6.31 -14.68
CA THR B 30 -7.04 4.88 -14.73
C THR B 30 -8.19 4.22 -15.48
N VAL B 31 -7.91 3.03 -16.02
CA VAL B 31 -8.98 2.22 -16.63
C VAL B 31 -8.59 0.75 -16.45
N SER B 32 -9.57 -0.11 -16.25
CA SER B 32 -9.32 -1.55 -16.19
C SER B 32 -10.00 -2.23 -17.37
N ILE B 33 -9.39 -3.27 -17.92
CA ILE B 33 -10.01 -4.03 -18.99
C ILE B 33 -9.91 -5.49 -18.61
N ASN B 34 -11.06 -6.15 -18.61
CA ASN B 34 -11.14 -7.54 -18.27
C ASN B 34 -11.10 -8.30 -19.60
N LEU B 35 -9.97 -8.95 -19.86
CA LEU B 35 -9.66 -9.61 -21.13
C LEU B 35 -10.47 -10.84 -21.48
N ASP B 36 -10.87 -11.62 -20.49
CA ASP B 36 -11.55 -12.87 -20.77
C ASP B 36 -12.06 -13.45 -19.47
N SER B 37 -13.13 -14.24 -19.51
CA SER B 37 -13.60 -14.95 -18.32
C SER B 37 -12.90 -16.34 -18.22
N ARG B 38 -12.22 -16.80 -19.28
CA ARG B 38 -11.54 -18.09 -19.31
C ARG B 38 -10.40 -18.09 -18.31
N CYS B 39 -10.27 -19.22 -17.59
CA CYS B 39 -9.22 -19.35 -16.60
C CYS B 39 -8.79 -20.81 -16.45
N ASN B 40 -7.52 -21.06 -16.12
CA ASN B 40 -7.06 -22.44 -15.89
C ASN B 40 -7.67 -23.03 -14.59
N ALA B 41 -8.05 -22.15 -13.64
CA ALA B 41 -8.62 -22.51 -12.35
C ALA B 41 -10.17 -22.50 -12.40
N SER B 42 -10.82 -23.02 -11.36
CA SER B 42 -12.27 -23.01 -11.23
C SER B 42 -12.59 -22.75 -9.76
N CYS B 43 -12.02 -21.66 -9.20
CA CYS B 43 -12.19 -21.28 -7.79
C CYS B 43 -13.64 -21.25 -7.35
N ASP B 44 -13.95 -21.88 -6.19
CA ASP B 44 -15.33 -21.97 -5.66
C ASP B 44 -15.94 -20.66 -5.19
N HIS B 45 -15.15 -19.61 -5.07
CA HIS B 45 -15.64 -18.30 -4.69
C HIS B 45 -15.77 -17.35 -5.88
N CYS B 46 -15.25 -17.74 -7.06
CA CYS B 46 -15.08 -16.82 -8.16
C CYS B 46 -16.29 -15.99 -8.50
N CYS B 47 -16.17 -14.67 -8.32
CA CYS B 47 -17.25 -13.74 -8.67
C CYS B 47 -17.63 -13.82 -10.15
N PHE B 48 -16.70 -14.24 -11.01
CA PHE B 48 -16.95 -14.37 -12.44
C PHE B 48 -17.32 -15.81 -12.84
N SER B 49 -17.28 -16.77 -11.91
CA SER B 49 -17.51 -18.19 -12.16
C SER B 49 -16.58 -18.69 -13.28
N SER B 50 -15.36 -18.13 -13.35
CA SER B 50 -14.34 -18.45 -14.32
C SER B 50 -13.95 -19.94 -14.27
N SER B 51 -13.63 -20.51 -15.44
CA SER B 51 -13.24 -21.90 -15.59
C SER B 51 -12.60 -22.08 -16.99
N PRO B 52 -11.90 -23.20 -17.26
CA PRO B 52 -11.35 -23.42 -18.61
C PRO B 52 -12.44 -23.43 -19.71
N THR B 53 -13.72 -23.63 -19.35
CA THR B 53 -14.79 -23.66 -20.36
C THR B 53 -15.60 -22.37 -20.44
N SER B 54 -15.19 -21.29 -19.75
CA SER B 54 -15.93 -20.03 -19.79
C SER B 54 -15.79 -19.36 -21.15
N THR B 55 -16.92 -18.91 -21.70
CA THR B 55 -16.95 -18.32 -23.03
C THR B 55 -17.23 -16.83 -23.07
N THR B 56 -17.49 -16.18 -21.91
CA THR B 56 -17.81 -14.75 -21.92
C THR B 56 -16.57 -13.90 -22.13
N ARG B 57 -16.53 -13.14 -23.23
CA ARG B 57 -15.43 -12.26 -23.50
C ARG B 57 -15.75 -11.30 -24.63
N MET B 58 -15.08 -10.15 -24.63
N MET B 58 -15.13 -10.11 -24.59
CA MET B 58 -15.19 -9.20 -25.72
CA MET B 58 -15.22 -9.17 -25.70
C MET B 58 -14.24 -9.71 -26.83
C MET B 58 -14.30 -9.76 -26.81
N GLU B 59 -14.57 -9.47 -28.11
CA GLU B 59 -13.71 -9.94 -29.19
C GLU B 59 -12.30 -9.33 -29.13
N LYS B 60 -11.28 -10.09 -29.57
CA LYS B 60 -9.89 -9.67 -29.54
C LYS B 60 -9.65 -8.36 -30.26
N GLU B 61 -10.22 -8.20 -31.44
CA GLU B 61 -10.01 -6.98 -32.21
C GLU B 61 -10.65 -5.78 -31.52
N TYR B 62 -11.82 -5.99 -30.91
CA TYR B 62 -12.52 -4.97 -30.15
C TYR B 62 -11.65 -4.52 -28.97
N ILE B 63 -11.01 -5.48 -28.27
CA ILE B 63 -10.09 -5.18 -27.18
C ILE B 63 -8.85 -4.40 -27.65
N ARG B 64 -8.30 -4.76 -28.82
CA ARG B 64 -7.14 -4.06 -29.40
C ARG B 64 -7.48 -2.58 -29.63
N GLU B 65 -8.70 -2.32 -30.08
CA GLU B 65 -9.19 -0.97 -30.33
C GLU B 65 -9.31 -0.21 -29.03
N LEU B 66 -9.88 -0.84 -27.98
CA LEU B 66 -10.00 -0.23 -26.64
C LEU B 66 -8.61 0.12 -26.10
N VAL B 67 -7.67 -0.83 -26.14
CA VAL B 67 -6.33 -0.59 -25.63
C VAL B 67 -5.61 0.51 -26.40
N THR B 68 -5.77 0.56 -27.73
CA THR B 68 -5.17 1.59 -28.58
C THR B 68 -5.69 2.96 -28.16
N GLU B 69 -7.01 3.06 -27.95
CA GLU B 69 -7.65 4.29 -27.50
C GLU B 69 -7.14 4.71 -26.11
N PHE B 70 -7.04 3.76 -25.16
CA PHE B 70 -6.55 4.05 -23.82
C PHE B 70 -5.09 4.52 -23.86
N ALA B 71 -4.26 3.92 -24.72
CA ALA B 71 -2.87 4.31 -24.86
C ALA B 71 -2.76 5.71 -25.43
N LYS B 72 -3.57 6.03 -26.43
CA LYS B 72 -3.54 7.36 -27.05
C LYS B 72 -4.19 8.44 -26.18
N ASN B 73 -5.06 8.03 -25.25
CA ASN B 73 -5.79 8.92 -24.38
C ASN B 73 -4.86 9.82 -23.59
N LYS B 74 -5.17 11.13 -23.56
CA LYS B 74 -4.29 12.05 -22.89
C LYS B 74 -4.36 12.04 -21.37
N THR B 75 -5.48 11.61 -20.75
CA THR B 75 -5.56 11.61 -19.30
C THR B 75 -5.21 10.29 -18.63
N ILE B 76 -5.50 9.15 -19.26
CA ILE B 76 -5.19 7.84 -18.66
C ILE B 76 -3.69 7.71 -18.42
N GLN B 77 -3.32 7.39 -17.18
CA GLN B 77 -1.96 7.19 -16.71
C GLN B 77 -1.72 5.68 -16.50
N VAL B 78 -2.72 4.97 -15.97
CA VAL B 78 -2.59 3.54 -15.64
C VAL B 78 -3.64 2.70 -16.35
N ILE B 79 -3.22 1.60 -16.98
CA ILE B 79 -4.10 0.63 -17.62
C ILE B 79 -3.95 -0.68 -16.88
N SER B 80 -5.05 -1.21 -16.35
CA SER B 80 -4.99 -2.45 -15.60
C SER B 80 -5.63 -3.58 -16.38
N PHE B 81 -5.05 -4.79 -16.31
CA PHE B 81 -5.60 -5.93 -16.99
C PHE B 81 -5.99 -7.00 -15.96
N THR B 82 -7.15 -7.60 -16.18
CA THR B 82 -7.66 -8.66 -15.31
C THR B 82 -8.51 -9.64 -16.13
N GLY B 83 -8.95 -10.73 -15.51
CA GLY B 83 -9.75 -11.75 -16.17
C GLY B 83 -10.73 -12.33 -15.17
N GLY B 84 -10.84 -13.66 -15.09
CA GLY B 84 -10.07 -14.59 -15.90
C GLY B 84 -8.59 -14.61 -15.56
N GLU B 85 -7.80 -15.42 -16.28
CA GLU B 85 -6.37 -15.45 -16.07
C GLU B 85 -5.70 -14.82 -17.28
N VAL B 86 -5.17 -13.58 -17.14
CA VAL B 86 -4.56 -12.88 -18.27
C VAL B 86 -3.29 -13.53 -18.80
N PHE B 87 -2.57 -14.30 -17.97
CA PHE B 87 -1.35 -14.97 -18.45
C PHE B 87 -1.64 -16.28 -19.22
N LEU B 88 -2.90 -16.69 -19.31
CA LEU B 88 -3.28 -17.90 -20.02
C LEU B 88 -3.02 -17.71 -21.53
N ASP B 89 -3.36 -16.54 -22.07
CA ASP B 89 -3.10 -16.23 -23.46
C ASP B 89 -2.06 -15.15 -23.41
N TYR B 90 -0.84 -15.53 -23.05
CA TYR B 90 0.27 -14.62 -22.91
C TYR B 90 0.57 -13.80 -24.14
N LYS B 91 0.51 -14.44 -25.30
CA LYS B 91 0.79 -13.82 -26.60
C LYS B 91 -0.10 -12.60 -26.81
N PHE B 92 -1.40 -12.72 -26.49
CA PHE B 92 -2.35 -11.61 -26.58
C PHE B 92 -2.03 -10.48 -25.58
N LEU B 93 -1.78 -10.83 -24.30
CA LEU B 93 -1.43 -9.87 -23.27
C LEU B 93 -0.18 -9.08 -23.66
N LYS B 94 0.87 -9.77 -24.14
CA LYS B 94 2.10 -9.11 -24.56
C LYS B 94 1.85 -8.18 -25.74
N GLU B 95 0.99 -8.59 -26.67
CA GLU B 95 0.62 -7.74 -27.80
C GLU B 95 -0.03 -6.43 -27.31
N LEU B 96 -0.97 -6.52 -26.34
CA LEU B 96 -1.64 -5.35 -25.80
C LEU B 96 -0.65 -4.44 -25.05
N MET B 97 0.27 -5.03 -24.29
CA MET B 97 1.31 -4.26 -23.59
C MET B 97 2.23 -3.56 -24.60
N GLU B 98 2.47 -4.17 -25.76
CA GLU B 98 3.30 -3.55 -26.79
CA GLU B 98 3.30 -3.57 -26.80
C GLU B 98 2.58 -2.38 -27.47
N ILE B 99 1.23 -2.43 -27.56
CA ILE B 99 0.47 -1.31 -28.14
C ILE B 99 0.67 -0.06 -27.23
N ILE B 100 0.63 -0.28 -25.91
CA ILE B 100 0.79 0.77 -24.91
C ILE B 100 2.19 1.35 -24.85
N LYS B 101 3.23 0.51 -24.97
CA LYS B 101 4.64 0.88 -24.85
C LYS B 101 5.04 2.23 -25.49
N PRO B 102 4.80 2.55 -26.79
CA PRO B 102 5.24 3.87 -27.32
C PRO B 102 4.58 5.06 -26.62
N TYR B 103 3.45 4.84 -25.98
CA TYR B 103 2.71 5.88 -25.27
C TYR B 103 3.12 6.03 -23.80
N GLU B 104 3.96 5.11 -23.30
CA GLU B 104 4.53 5.11 -21.96
C GLU B 104 3.51 5.17 -20.82
N LYS B 105 2.38 4.45 -20.95
CA LYS B 105 1.43 4.39 -19.84
C LYS B 105 1.91 3.32 -18.84
N GLN B 106 1.51 3.45 -17.57
CA GLN B 106 1.83 2.46 -16.55
C GLN B 106 0.83 1.32 -16.65
N ILE B 107 1.26 0.08 -16.42
CA ILE B 107 0.35 -1.07 -16.50
C ILE B 107 0.33 -1.82 -15.17
N THR B 108 -0.84 -2.37 -14.78
CA THR B 108 -0.89 -3.24 -13.60
C THR B 108 -1.49 -4.57 -14.06
N LEU B 109 -1.08 -5.66 -13.41
CA LEU B 109 -1.56 -7.00 -13.74
C LEU B 109 -1.96 -7.74 -12.49
N ILE B 110 -2.91 -8.65 -12.63
CA ILE B 110 -3.31 -9.51 -11.54
C ILE B 110 -3.38 -10.93 -12.09
N SER B 111 -2.87 -11.91 -11.33
CA SER B 111 -2.78 -13.24 -11.83
C SER B 111 -2.85 -14.28 -10.73
N ASN B 112 -3.31 -15.48 -11.05
CA ASN B 112 -3.26 -16.61 -10.11
C ASN B 112 -1.84 -17.23 -10.06
N GLY B 113 -0.91 -16.73 -10.87
CA GLY B 113 0.47 -17.20 -10.86
C GLY B 113 0.70 -18.64 -11.27
N PHE B 114 -0.23 -19.24 -12.08
CA PHE B 114 -0.03 -20.64 -12.51
C PHE B 114 1.29 -20.80 -13.29
N TRP B 115 1.72 -19.73 -13.98
CA TRP B 115 2.93 -19.68 -14.77
C TRP B 115 4.23 -19.78 -13.96
N GLY B 116 4.15 -19.71 -12.62
CA GLY B 116 5.31 -19.86 -11.75
C GLY B 116 5.91 -21.26 -11.67
N LEU B 117 5.19 -22.25 -12.19
CA LEU B 117 5.66 -23.64 -12.21
C LEU B 117 6.87 -23.79 -13.17
N SER B 118 6.88 -22.96 -14.25
CA SER B 118 7.91 -22.88 -15.29
C SER B 118 8.91 -21.76 -14.97
N LYS B 119 10.17 -22.14 -14.75
CA LYS B 119 11.24 -21.18 -14.48
C LYS B 119 11.54 -20.26 -15.69
N LYS B 120 11.34 -20.80 -16.90
CA LYS B 120 11.50 -20.08 -18.16
C LYS B 120 10.46 -19.01 -18.24
N LYS B 121 9.19 -19.33 -17.90
CA LYS B 121 8.11 -18.35 -17.90
C LYS B 121 8.37 -17.27 -16.87
N VAL B 122 8.78 -17.63 -15.64
CA VAL B 122 9.08 -16.62 -14.62
C VAL B 122 10.13 -15.59 -15.11
N GLN B 123 11.25 -16.07 -15.66
CA GLN B 123 12.32 -15.19 -16.14
C GLN B 123 11.82 -14.32 -17.32
N GLU B 124 11.21 -14.95 -18.31
CA GLU B 124 10.74 -14.28 -19.50
C GLU B 124 9.65 -13.27 -19.17
N TYR B 125 8.67 -13.65 -18.35
CA TYR B 125 7.55 -12.77 -18.02
C TYR B 125 8.00 -11.55 -17.23
N PHE B 126 8.90 -11.74 -16.27
CA PHE B 126 9.42 -10.60 -15.49
C PHE B 126 10.22 -9.67 -16.37
N HIS B 127 10.98 -10.21 -17.34
CA HIS B 127 11.75 -9.38 -18.27
C HIS B 127 10.80 -8.51 -19.10
N ASP B 128 9.72 -9.11 -19.57
CA ASP B 128 8.71 -8.41 -20.36
C ASP B 128 8.00 -7.35 -19.54
N MET B 129 7.54 -7.69 -18.33
CA MET B 129 6.82 -6.75 -17.45
C MET B 129 7.69 -5.53 -17.13
N ASN B 130 8.97 -5.77 -16.84
CA ASN B 130 9.89 -4.68 -16.53
C ASN B 130 10.13 -3.78 -17.73
N SER B 131 10.22 -4.37 -18.92
CA SER B 131 10.46 -3.57 -20.13
C SER B 131 9.18 -2.94 -20.70
N LEU B 132 7.99 -3.37 -20.24
CA LEU B 132 6.73 -2.85 -20.76
C LEU B 132 5.98 -1.95 -19.75
N ASN B 133 6.71 -1.42 -18.76
CA ASN B 133 6.23 -0.49 -17.74
C ASN B 133 5.11 -1.06 -16.85
N VAL B 134 5.23 -2.33 -16.46
CA VAL B 134 4.31 -2.91 -15.49
C VAL B 134 4.82 -2.43 -14.12
N ILE B 135 4.01 -1.64 -13.41
CA ILE B 135 4.44 -1.11 -12.11
C ILE B 135 3.91 -1.91 -10.94
N ALA B 136 2.97 -2.85 -11.16
CA ALA B 136 2.41 -3.61 -10.07
C ALA B 136 1.92 -4.92 -10.58
N LEU B 137 2.17 -5.95 -9.80
CA LEU B 137 1.69 -7.28 -10.09
C LEU B 137 1.10 -7.83 -8.82
N THR B 138 -0.16 -8.23 -8.89
CA THR B 138 -0.84 -8.84 -7.75
C THR B 138 -0.99 -10.32 -8.03
N ILE B 139 -0.63 -11.16 -7.06
CA ILE B 139 -0.77 -12.59 -7.18
C ILE B 139 -1.87 -12.99 -6.21
N SER B 140 -2.86 -13.79 -6.67
CA SER B 140 -3.91 -14.26 -5.80
C SER B 140 -3.62 -15.69 -5.39
N TYR B 141 -3.52 -15.96 -4.11
CA TYR B 141 -3.30 -17.32 -3.62
C TYR B 141 -4.00 -17.46 -2.30
N ASP B 142 -4.68 -18.58 -2.10
CA ASP B 142 -5.46 -18.87 -0.91
C ASP B 142 -5.97 -20.31 -0.99
N GLU B 143 -6.80 -20.77 -0.03
CA GLU B 143 -7.32 -22.15 -0.06
C GLU B 143 -8.26 -22.43 -1.23
N TYR B 144 -8.84 -21.38 -1.82
CA TYR B 144 -9.73 -21.48 -2.95
C TYR B 144 -8.99 -21.70 -4.25
N HIS B 145 -7.79 -21.07 -4.38
CA HIS B 145 -6.92 -21.20 -5.55
C HIS B 145 -5.98 -22.42 -5.42
N ALA B 146 -5.65 -22.83 -4.18
CA ALA B 146 -4.72 -23.92 -3.92
C ALA B 146 -4.98 -25.23 -4.71
N PRO B 147 -6.23 -25.71 -4.95
CA PRO B 147 -6.36 -26.95 -5.73
C PRO B 147 -5.87 -26.83 -7.19
N PHE B 148 -5.69 -25.59 -7.69
CA PHE B 148 -5.36 -25.32 -9.09
C PHE B 148 -3.91 -24.90 -9.34
N VAL B 149 -3.27 -24.26 -8.36
CA VAL B 149 -1.90 -23.78 -8.49
C VAL B 149 -1.09 -24.26 -7.29
N LYS B 150 0.11 -24.81 -7.53
CA LYS B 150 0.95 -25.29 -6.44
C LYS B 150 1.62 -24.15 -5.69
N SER B 151 1.85 -24.34 -4.40
CA SER B 151 2.52 -23.36 -3.53
C SER B 151 3.90 -22.98 -4.11
N SER B 152 4.69 -23.97 -4.57
CA SER B 152 6.02 -23.73 -5.13
C SER B 152 5.97 -22.78 -6.34
N SER B 153 4.88 -22.82 -7.14
CA SER B 153 4.71 -21.90 -8.27
C SER B 153 4.61 -20.45 -7.79
N ILE B 154 3.87 -20.22 -6.70
CA ILE B 154 3.72 -18.87 -6.12
C ILE B 154 5.08 -18.42 -5.57
N LYS B 155 5.78 -19.32 -4.86
N LYS B 155 5.78 -19.32 -4.86
CA LYS B 155 7.09 -19.09 -4.30
CA LYS B 155 7.10 -19.06 -4.31
C LYS B 155 8.10 -18.64 -5.38
C LYS B 155 8.10 -18.64 -5.39
N ASN B 156 8.10 -19.31 -6.54
CA ASN B 156 9.00 -18.94 -7.64
C ASN B 156 8.79 -17.52 -8.14
N ILE B 157 7.52 -17.12 -8.28
CA ILE B 157 7.20 -15.76 -8.70
C ILE B 157 7.64 -14.75 -7.65
N LEU B 158 7.31 -14.98 -6.38
CA LEU B 158 7.68 -14.05 -5.31
C LEU B 158 9.18 -13.89 -5.16
N GLU B 159 9.90 -15.01 -5.22
CA GLU B 159 11.34 -14.98 -5.12
C GLU B 159 11.96 -14.25 -6.28
N HIS B 160 11.52 -14.48 -7.51
CA HIS B 160 12.10 -13.80 -8.67
C HIS B 160 11.79 -12.31 -8.71
N SER B 161 10.64 -11.91 -8.15
CA SER B 161 10.24 -10.51 -8.12
C SER B 161 11.23 -9.61 -7.38
N ARG B 162 12.04 -10.18 -6.47
N ARG B 162 12.04 -10.18 -6.46
CA ARG B 162 13.07 -9.45 -5.73
CA ARG B 162 13.05 -9.42 -5.73
C ARG B 162 14.08 -8.80 -6.68
C ARG B 162 14.12 -8.82 -6.67
N LYS B 163 14.32 -9.41 -7.86
CA LYS B 163 15.26 -8.88 -8.85
C LYS B 163 14.68 -7.67 -9.61
N TYR B 164 13.39 -7.40 -9.47
CA TYR B 164 12.69 -6.30 -10.11
C TYR B 164 12.03 -5.39 -9.07
N PRO B 165 12.84 -4.54 -8.39
CA PRO B 165 12.28 -3.67 -7.35
C PRO B 165 11.30 -2.61 -7.82
N ASP B 166 11.24 -2.29 -9.13
CA ASP B 166 10.27 -1.31 -9.64
C ASP B 166 8.86 -1.90 -9.86
N ILE B 167 8.69 -3.21 -9.66
CA ILE B 167 7.39 -3.84 -9.79
C ILE B 167 6.89 -4.07 -8.39
N ASP B 168 5.80 -3.39 -8.03
CA ASP B 168 5.21 -3.51 -6.71
C ASP B 168 4.45 -4.84 -6.64
N ILE B 169 4.86 -5.72 -5.73
CA ILE B 169 4.24 -7.04 -5.60
C ILE B 169 3.28 -7.11 -4.41
N SER B 170 2.10 -7.67 -4.65
CA SER B 170 1.06 -7.89 -3.65
C SER B 170 0.58 -9.33 -3.68
N LEU B 171 0.16 -9.84 -2.54
CA LEU B 171 -0.43 -11.16 -2.45
C LEU B 171 -1.87 -10.95 -1.92
N ASN B 172 -2.90 -11.32 -2.69
CA ASN B 172 -4.28 -11.16 -2.25
C ASN B 172 -4.87 -12.51 -1.91
N MET B 173 -5.40 -12.66 -0.71
CA MET B 173 -5.93 -13.93 -0.23
C MET B 173 -7.40 -13.79 0.14
N ALA B 174 -8.27 -14.48 -0.59
CA ALA B 174 -9.71 -14.47 -0.35
C ALA B 174 -9.99 -15.53 0.69
N VAL B 175 -10.64 -15.12 1.81
CA VAL B 175 -10.86 -16.09 2.89
C VAL B 175 -12.34 -16.18 3.35
N THR B 176 -12.66 -17.28 4.03
CA THR B 176 -13.93 -17.51 4.71
C THR B 176 -13.59 -18.04 6.13
N LYS B 177 -14.57 -18.08 7.03
CA LYS B 177 -14.33 -18.58 8.40
C LYS B 177 -13.74 -19.99 8.45
N ASP B 178 -14.15 -20.87 7.53
CA ASP B 178 -13.67 -22.26 7.46
C ASP B 178 -12.36 -22.41 6.65
N LYS B 179 -11.95 -21.37 5.89
CA LYS B 179 -10.72 -21.36 5.08
C LYS B 179 -10.01 -20.02 5.23
N MET B 180 -9.28 -19.84 6.35
CA MET B 180 -8.59 -18.58 6.64
C MET B 180 -7.17 -18.45 6.09
N SER B 181 -6.71 -19.43 5.30
CA SER B 181 -5.39 -19.44 4.67
C SER B 181 -4.21 -19.29 5.64
N ASN B 182 -4.31 -19.86 6.85
CA ASN B 182 -3.21 -19.76 7.82
C ASN B 182 -1.95 -20.56 7.44
N HIS B 183 -2.15 -21.80 7.01
CA HIS B 183 -1.04 -22.65 6.59
C HIS B 183 -0.45 -22.22 5.24
N ILE B 184 -1.25 -21.55 4.38
CA ILE B 184 -0.83 -21.06 3.07
C ILE B 184 0.36 -20.13 3.23
N LEU B 185 0.25 -19.18 4.17
CA LEU B 185 1.32 -18.22 4.39
C LEU B 185 2.59 -18.85 4.94
N GLU B 186 2.42 -19.80 5.86
CA GLU B 186 3.57 -20.49 6.43
C GLU B 186 4.35 -21.27 5.36
N GLU B 187 3.65 -21.97 4.45
N GLU B 187 3.67 -21.99 4.45
CA GLU B 187 4.27 -22.77 3.40
CA GLU B 187 4.35 -22.78 3.43
C GLU B 187 5.05 -21.91 2.38
C GLU B 187 5.03 -21.92 2.36
N LEU B 188 4.71 -20.62 2.26
CA LEU B 188 5.42 -19.73 1.33
C LEU B 188 6.85 -19.35 1.84
N GLY B 189 7.11 -19.58 3.13
CA GLY B 189 8.40 -19.31 3.75
C GLY B 189 8.77 -17.85 3.71
N ASP B 190 10.07 -17.55 3.54
CA ASP B 190 10.49 -16.15 3.50
C ASP B 190 10.30 -15.49 2.14
N SER B 191 9.64 -16.15 1.16
CA SER B 191 9.36 -15.53 -0.14
C SER B 191 8.37 -14.37 -0.03
N ILE B 192 7.62 -14.30 1.07
CA ILE B 192 6.65 -13.22 1.27
C ILE B 192 7.26 -11.99 1.94
N LEU B 193 8.54 -12.03 2.38
CA LEU B 193 9.15 -10.85 3.00
C LEU B 193 9.16 -9.67 1.99
N GLY B 194 8.63 -8.52 2.41
CA GLY B 194 8.53 -7.34 1.58
C GLY B 194 7.31 -7.30 0.67
N VAL B 195 6.49 -8.36 0.69
CA VAL B 195 5.30 -8.43 -0.13
C VAL B 195 4.10 -7.94 0.67
N LYS B 196 3.27 -7.07 0.10
CA LYS B 196 2.05 -6.60 0.75
C LYS B 196 0.98 -7.69 0.68
N ILE B 197 0.64 -8.29 1.81
CA ILE B 197 -0.36 -9.34 1.87
C ILE B 197 -1.68 -8.75 2.34
N THR B 198 -2.77 -9.06 1.65
CA THR B 198 -4.08 -8.63 2.11
C THR B 198 -5.01 -9.81 2.11
N LYS B 199 -5.56 -10.16 3.26
CA LYS B 199 -6.59 -11.17 3.37
C LYS B 199 -7.92 -10.40 3.34
N PHE B 200 -8.88 -10.85 2.56
CA PHE B 200 -10.15 -10.15 2.46
C PHE B 200 -11.33 -11.10 2.47
N PRO B 201 -12.49 -10.63 2.95
CA PRO B 201 -13.66 -11.50 2.98
C PRO B 201 -14.32 -11.61 1.60
N MET B 202 -15.28 -12.52 1.47
CA MET B 202 -15.98 -12.75 0.22
C MET B 202 -17.10 -11.78 -0.05
N ILE B 203 -17.32 -11.47 -1.33
CA ILE B 203 -18.53 -10.79 -1.77
C ILE B 203 -19.39 -11.98 -2.27
N SER B 204 -20.65 -12.07 -1.82
CA SER B 204 -21.49 -13.20 -2.21
C SER B 204 -22.11 -12.99 -3.57
N VAL B 205 -21.29 -13.19 -4.59
CA VAL B 205 -21.60 -13.09 -6.02
C VAL B 205 -20.92 -14.26 -6.73
N GLY B 206 -21.41 -14.58 -7.92
CA GLY B 206 -20.84 -15.65 -8.74
C GLY B 206 -20.83 -16.98 -8.03
N ALA B 207 -19.73 -17.76 -8.17
CA ALA B 207 -19.63 -19.07 -7.54
C ALA B 207 -19.74 -19.00 -6.01
N ALA B 208 -19.36 -17.87 -5.38
CA ALA B 208 -19.47 -17.73 -3.93
C ALA B 208 -20.92 -17.79 -3.43
N LYS B 209 -21.92 -17.46 -4.30
CA LYS B 209 -23.33 -17.50 -3.91
C LYS B 209 -23.82 -18.89 -3.70
N THR B 210 -23.37 -19.85 -4.51
CA THR B 210 -23.89 -21.21 -4.45
C THR B 210 -22.92 -22.25 -3.90
N ARG B 211 -21.61 -21.95 -3.91
CA ARG B 211 -20.63 -22.94 -3.43
C ARG B 211 -20.07 -22.67 -2.04
N ILE B 212 -20.47 -21.56 -1.41
CA ILE B 212 -19.99 -21.22 -0.07
C ILE B 212 -21.18 -20.95 0.84
N LYS B 213 -21.19 -21.52 2.06
CA LYS B 213 -22.26 -21.29 3.03
C LYS B 213 -22.18 -19.84 3.49
N GLN B 214 -23.31 -19.14 3.47
CA GLN B 214 -23.39 -17.73 3.86
C GLN B 214 -22.84 -17.50 5.28
N GLU B 215 -23.03 -18.49 6.17
CA GLU B 215 -22.52 -18.46 7.54
C GLU B 215 -20.98 -18.41 7.61
N ASN B 216 -20.29 -18.87 6.57
CA ASN B 216 -18.83 -18.82 6.54
C ASN B 216 -18.29 -17.50 6.00
N ILE B 217 -19.16 -16.60 5.50
CA ILE B 217 -18.71 -15.31 4.99
C ILE B 217 -18.71 -14.32 6.15
N HIS B 218 -17.57 -13.68 6.44
CA HIS B 218 -17.47 -12.71 7.54
C HIS B 218 -18.45 -11.55 7.29
N LYS B 219 -19.21 -11.10 8.28
CA LYS B 219 -20.14 -9.96 8.04
C LYS B 219 -19.94 -9.00 9.18
N PHE B 220 -18.85 -8.23 9.14
N PHE B 220 -18.84 -8.24 9.14
CA PHE B 220 -18.52 -7.33 10.23
CA PHE B 220 -18.53 -7.33 10.24
C PHE B 220 -18.87 -5.85 10.00
C PHE B 220 -18.84 -5.85 9.98
N TYR B 221 -19.65 -5.56 8.96
CA TYR B 221 -20.11 -4.21 8.71
C TYR B 221 -21.63 -4.24 8.99
N SER B 222 -22.17 -3.18 9.58
CA SER B 222 -23.60 -3.12 9.86
C SER B 222 -24.20 -1.78 9.44
N LEU B 223 -25.53 -1.70 9.40
CA LEU B 223 -26.19 -0.44 9.08
C LEU B 223 -25.93 0.61 10.15
N GLU B 224 -25.76 0.20 11.43
CA GLU B 224 -25.47 1.11 12.54
C GLU B 224 -24.18 1.90 12.34
N ASP B 225 -23.26 1.38 11.53
CA ASP B 225 -22.04 2.09 11.20
C ASP B 225 -22.37 3.07 10.04
N GLU B 226 -23.54 3.80 10.10
CA GLU B 226 -24.01 4.76 9.06
C GLU B 226 -22.92 5.70 8.54
N ASP B 227 -22.09 6.24 9.45
CA ASP B 227 -20.99 7.15 9.11
C ASP B 227 -19.76 6.44 8.51
N SER B 228 -19.68 5.13 8.65
CA SER B 228 -18.61 4.32 8.04
C SER B 228 -18.99 3.80 6.63
N LEU B 229 -20.22 4.07 6.17
CA LEU B 229 -20.74 3.58 4.91
C LEU B 229 -20.46 4.53 3.75
N HIS B 230 -19.26 4.39 3.20
CA HIS B 230 -18.81 5.16 2.06
C HIS B 230 -18.24 4.23 1.02
N CYS B 231 -18.57 4.46 -0.24
CA CYS B 231 -18.03 3.72 -1.37
C CYS B 231 -16.50 3.90 -1.39
N PRO B 232 -15.71 2.83 -1.53
CA PRO B 232 -14.23 3.00 -1.55
C PRO B 232 -13.70 3.88 -2.69
N GLY B 233 -14.49 4.06 -3.75
CA GLY B 233 -14.08 4.93 -4.86
C GLY B 233 -14.40 4.35 -6.21
N TYR B 234 -14.70 5.24 -7.18
CA TYR B 234 -15.02 4.80 -8.53
C TYR B 234 -13.74 4.58 -9.35
N ALA B 235 -13.80 3.62 -10.27
CA ALA B 235 -12.73 3.27 -11.20
C ALA B 235 -13.43 2.60 -12.40
N ILE B 236 -13.22 3.10 -13.59
CA ILE B 236 -13.89 2.57 -14.77
C ILE B 236 -13.35 1.22 -15.18
N VAL B 237 -14.26 0.25 -15.36
CA VAL B 237 -13.93 -1.11 -15.76
C VAL B 237 -14.67 -1.52 -17.02
N TYR B 238 -13.93 -1.93 -18.07
CA TYR B 238 -14.52 -2.44 -19.30
C TYR B 238 -14.50 -3.95 -19.08
N HIS B 239 -15.65 -4.51 -18.75
CA HIS B 239 -15.74 -5.92 -18.33
C HIS B 239 -15.89 -6.91 -19.48
N HIS B 240 -15.57 -8.19 -19.24
CA HIS B 240 -15.64 -9.25 -20.23
C HIS B 240 -17.05 -9.56 -20.69
N ASP B 241 -18.09 -9.10 -19.96
CA ASP B 241 -19.47 -9.24 -20.43
C ASP B 241 -19.84 -8.12 -21.46
N GLY B 242 -18.87 -7.27 -21.84
CA GLY B 242 -19.12 -6.19 -22.78
C GLY B 242 -19.73 -4.95 -22.16
N GLU B 243 -19.95 -4.96 -20.84
CA GLU B 243 -20.53 -3.82 -20.16
C GLU B 243 -19.39 -2.96 -19.52
N ILE B 244 -19.69 -1.71 -19.16
CA ILE B 244 -18.75 -0.81 -18.51
C ILE B 244 -19.32 -0.50 -17.14
N TYR B 245 -18.52 -0.66 -16.12
CA TYR B 245 -18.97 -0.49 -14.74
C TYR B 245 -18.19 0.65 -14.06
N PRO B 246 -18.83 1.32 -13.09
CA PRO B 246 -18.18 2.47 -12.43
C PRO B 246 -17.20 2.11 -11.34
N CYS B 247 -16.96 0.81 -11.09
CA CYS B 247 -16.00 0.44 -10.04
C CYS B 247 -15.47 -0.99 -10.26
N CSS B 248 -14.47 -1.36 -9.45
CA CSS B 248 -13.81 -2.68 -9.51
CB CSS B 248 -12.27 -2.50 -9.08
SG CSS B 248 -11.38 -1.65 -10.46
SD CSS B 248 -11.20 -3.30 -11.67
C CSS B 248 -14.42 -3.73 -8.57
O CSS B 248 -13.92 -4.86 -8.54
N SER B 249 -15.48 -3.40 -7.85
CA SER B 249 -16.08 -4.37 -6.92
C SER B 249 -16.79 -5.49 -7.61
N PRO B 250 -16.63 -6.75 -7.10
CA PRO B 250 -17.46 -7.83 -7.64
C PRO B 250 -18.99 -7.54 -7.47
N ALA B 251 -19.36 -6.74 -6.47
CA ALA B 251 -20.77 -6.47 -6.18
C ALA B 251 -21.49 -5.59 -7.21
N ILE B 252 -20.78 -4.69 -7.94
CA ILE B 252 -21.45 -3.81 -8.91
C ILE B 252 -22.27 -4.54 -10.02
N PHE B 253 -21.86 -5.75 -10.48
CA PHE B 253 -22.56 -6.50 -11.55
C PHE B 253 -24.04 -6.75 -11.29
N GLU B 254 -24.42 -6.93 -10.02
N GLU B 254 -24.42 -6.92 -10.02
CA GLU B 254 -25.81 -7.16 -9.62
CA GLU B 254 -25.81 -7.14 -9.66
C GLU B 254 -26.65 -5.86 -9.52
C GLU B 254 -26.64 -5.85 -9.61
N THR B 255 -25.99 -4.67 -9.54
CA THR B 255 -26.75 -3.40 -9.52
C THR B 255 -27.25 -3.14 -10.96
N LYS B 256 -28.13 -2.16 -11.15
CA LYS B 256 -28.51 -1.71 -12.48
C LYS B 256 -27.71 -0.44 -12.83
N ILE B 257 -26.54 -0.24 -12.20
CA ILE B 257 -25.72 0.91 -12.49
C ILE B 257 -24.69 0.51 -13.55
N THR B 258 -24.80 1.04 -14.80
CA THR B 258 -23.86 0.71 -15.88
C THR B 258 -23.45 1.99 -16.65
N LEU B 259 -22.35 1.93 -17.42
CA LEU B 259 -21.86 3.10 -18.14
C LEU B 259 -21.85 2.96 -19.65
N ARG B 260 -22.23 1.78 -20.19
CA ARG B 260 -22.26 1.63 -21.63
C ARG B 260 -23.63 1.98 -22.24
N GLU B 261 -23.63 2.84 -23.24
CA GLU B 261 -24.86 3.18 -23.96
C GLU B 261 -24.83 2.63 -25.40
N GLU B 262 -23.64 2.30 -25.93
CA GLU B 262 -23.53 1.77 -27.29
C GLU B 262 -22.23 0.97 -27.46
N TYR B 263 -22.17 0.13 -28.50
CA TYR B 263 -21.03 -0.74 -28.81
C TYR B 263 -19.73 0.03 -28.98
N ASN B 264 -19.73 1.10 -29.78
CA ASN B 264 -18.53 1.89 -29.99
C ASN B 264 -18.67 3.20 -29.23
N GLN B 265 -18.28 3.18 -27.99
CA GLN B 265 -18.36 4.33 -27.11
C GLN B 265 -16.93 4.76 -26.74
N SER B 266 -16.63 6.07 -26.79
CA SER B 266 -15.29 6.54 -26.46
C SER B 266 -15.10 6.58 -24.92
N PHE B 267 -13.84 6.56 -24.49
CA PHE B 267 -13.47 6.65 -23.09
C PHE B 267 -13.90 8.04 -22.58
N GLU B 268 -13.75 9.11 -23.39
CA GLU B 268 -14.23 10.45 -23.01
C GLU B 268 -15.72 10.47 -22.71
N ARG B 269 -16.50 9.71 -23.50
CA ARG B 269 -17.93 9.59 -23.26
C ARG B 269 -18.20 8.78 -21.99
N THR B 270 -17.48 7.70 -21.76
CA THR B 270 -17.64 6.90 -20.54
C THR B 270 -17.39 7.76 -19.30
N VAL B 271 -16.32 8.57 -19.34
CA VAL B 271 -15.97 9.45 -18.24
C VAL B 271 -17.05 10.50 -18.05
N GLU B 272 -17.54 11.09 -19.15
CA GLU B 272 -18.61 12.10 -19.08
C GLU B 272 -19.88 11.51 -18.44
N LYS B 273 -20.24 10.29 -18.80
CA LYS B 273 -21.43 9.63 -18.26
C LYS B 273 -21.26 9.36 -16.75
N LEU B 274 -20.07 8.90 -16.37
CA LEU B 274 -19.80 8.64 -14.95
C LEU B 274 -19.87 9.96 -14.14
N ASN B 275 -19.28 11.05 -14.66
CA ASN B 275 -19.29 12.33 -13.96
C ASN B 275 -20.63 13.03 -13.94
N SER B 276 -21.52 12.70 -14.87
CA SER B 276 -22.85 13.32 -14.88
C SER B 276 -23.93 12.40 -14.30
N ASN B 277 -23.55 11.26 -13.72
CA ASN B 277 -24.52 10.37 -13.09
C ASN B 277 -24.88 10.97 -11.71
N LEU B 278 -26.12 11.48 -11.58
CA LEU B 278 -26.55 12.15 -10.35
C LEU B 278 -26.55 11.22 -9.14
N LEU B 279 -27.03 9.98 -9.32
CA LEU B 279 -27.03 9.00 -8.23
C LEU B 279 -25.63 8.75 -7.69
N LEU B 280 -24.65 8.57 -8.59
CA LEU B 280 -23.26 8.33 -8.18
C LEU B 280 -22.62 9.57 -7.60
N PHE B 281 -23.04 10.76 -8.03
CA PHE B 281 -22.54 12.00 -7.47
C PHE B 281 -22.99 12.09 -6.01
N ILE B 282 -24.28 11.86 -5.77
CA ILE B 282 -24.86 11.92 -4.43
C ILE B 282 -24.26 10.84 -3.56
N LEU B 283 -24.07 9.63 -4.08
CA LEU B 283 -23.49 8.53 -3.32
C LEU B 283 -22.10 8.88 -2.82
N ARG B 284 -21.30 9.52 -3.67
N ARG B 284 -21.28 9.51 -3.67
CA ARG B 284 -19.93 9.92 -3.36
CA ARG B 284 -19.92 9.85 -3.26
C ARG B 284 -19.91 11.04 -2.33
C ARG B 284 -19.88 11.04 -2.31
N LYS B 285 -20.64 12.10 -2.61
CA LYS B 285 -20.66 13.28 -1.76
C LYS B 285 -21.35 13.05 -0.41
N GLU B 286 -22.47 12.34 -0.41
CA GLU B 286 -23.26 12.14 0.78
C GLU B 286 -23.13 10.79 1.46
N GLY B 287 -22.59 9.80 0.79
CA GLY B 287 -22.48 8.46 1.34
C GLY B 287 -23.78 7.69 1.32
N PHE B 288 -23.70 6.39 1.61
CA PHE B 288 -24.85 5.50 1.68
C PHE B 288 -25.93 5.94 2.63
N LYS B 289 -25.59 6.73 3.67
CA LYS B 289 -26.59 7.20 4.63
C LYS B 289 -27.66 8.06 3.99
N TRP B 290 -27.35 8.79 2.91
CA TRP B 290 -28.36 9.62 2.24
C TRP B 290 -29.52 8.73 1.73
N PHE B 291 -29.17 7.58 1.13
CA PHE B 291 -30.17 6.64 0.59
C PHE B 291 -30.86 5.85 1.70
N LEU B 292 -30.06 5.36 2.68
CA LEU B 292 -30.57 4.60 3.82
C LEU B 292 -31.49 5.43 4.69
N ASN B 293 -31.20 6.72 4.87
CA ASN B 293 -32.08 7.58 5.67
C ASN B 293 -33.44 7.76 5.02
N ILE B 294 -33.49 7.85 3.68
CA ILE B 294 -34.76 7.96 2.96
C ILE B 294 -35.56 6.69 3.14
N LEU B 295 -34.91 5.51 3.07
CA LEU B 295 -35.58 4.24 3.26
C LEU B 295 -36.11 4.13 4.67
N LYS B 296 -35.26 4.39 5.69
CA LYS B 296 -35.65 4.33 7.09
C LYS B 296 -36.81 5.26 7.39
N GLU B 297 -36.78 6.52 6.89
CA GLU B 297 -37.87 7.45 7.19
C GLU B 297 -39.20 7.00 6.59
N ASN B 298 -39.18 6.31 5.44
CA ASN B 298 -40.42 5.82 4.82
C ASN B 298 -40.71 4.33 5.13
N ASN B 299 -39.90 3.69 6.02
CA ASN B 299 -40.02 2.30 6.43
C ASN B 299 -39.89 1.32 5.25
N LYS B 300 -38.81 1.46 4.48
CA LYS B 300 -38.54 0.67 3.29
C LYS B 300 -37.35 -0.28 3.44
N ILE B 301 -36.70 -0.36 4.61
CA ILE B 301 -35.53 -1.24 4.78
C ILE B 301 -35.85 -2.71 4.49
N GLU B 302 -36.97 -3.20 4.99
CA GLU B 302 -37.39 -4.59 4.77
C GLU B 302 -37.95 -4.80 3.37
N GLU B 303 -38.71 -3.83 2.85
CA GLU B 303 -39.24 -3.88 1.49
C GLU B 303 -38.06 -3.92 0.46
N PHE B 304 -36.96 -3.21 0.75
CA PHE B 304 -35.78 -3.15 -0.10
C PHE B 304 -34.75 -4.27 0.19
N ASP B 305 -35.07 -5.24 1.08
CA ASP B 305 -34.20 -6.34 1.50
C ASP B 305 -32.80 -5.88 1.85
N ILE B 306 -32.68 -4.76 2.57
CA ILE B 306 -31.38 -4.24 2.94
C ILE B 306 -30.86 -5.14 4.04
N PRO B 307 -29.71 -5.79 3.84
CA PRO B 307 -29.16 -6.64 4.91
C PRO B 307 -28.73 -5.80 6.10
N TYR B 308 -28.83 -6.36 7.30
CA TYR B 308 -28.36 -5.64 8.48
C TYR B 308 -26.85 -5.82 8.67
N GLU B 309 -26.30 -6.97 8.22
CA GLU B 309 -24.88 -7.30 8.27
C GLU B 309 -24.35 -7.64 6.88
N PHE B 310 -23.06 -7.34 6.63
CA PHE B 310 -22.48 -7.52 5.30
C PHE B 310 -20.97 -7.58 5.35
N SER B 311 -20.35 -8.34 4.43
CA SER B 311 -18.90 -8.48 4.42
C SER B 311 -18.18 -7.21 3.99
N SER B 312 -18.87 -6.33 3.23
CA SER B 312 -18.30 -5.08 2.78
C SER B 312 -19.39 -4.03 2.50
N ILE B 313 -18.97 -2.75 2.37
CA ILE B 313 -19.90 -1.68 2.03
C ILE B 313 -20.59 -1.95 0.67
N CYS B 314 -19.89 -2.60 -0.26
CA CYS B 314 -20.48 -2.99 -1.56
C CYS B 314 -21.73 -3.86 -1.42
N GLY B 315 -21.89 -4.52 -0.28
CA GLY B 315 -23.07 -5.33 0.00
C GLY B 315 -24.31 -4.46 0.14
N VAL B 316 -24.15 -3.25 0.69
CA VAL B 316 -25.28 -2.31 0.82
C VAL B 316 -25.63 -1.81 -0.58
N CYS B 317 -24.61 -1.41 -1.34
CA CYS B 317 -24.72 -0.93 -2.71
C CYS B 317 -25.54 -1.86 -3.58
N GLY B 318 -25.16 -3.14 -3.61
CA GLY B 318 -25.86 -4.18 -4.36
C GLY B 318 -27.33 -4.26 -4.00
N SER B 319 -27.66 -4.19 -2.71
CA SER B 319 -29.05 -4.26 -2.27
C SER B 319 -29.86 -3.00 -2.51
N LEU B 320 -29.22 -1.84 -2.52
CA LEU B 320 -29.95 -0.60 -2.72
C LEU B 320 -30.35 -0.39 -4.17
N PHE B 321 -29.49 -0.82 -5.10
CA PHE B 321 -29.64 -0.45 -6.50
C PHE B 321 -29.72 -1.64 -7.45
N ASN B 322 -30.22 -2.79 -6.98
CA ASN B 322 -30.25 -3.98 -7.83
C ASN B 322 -31.51 -4.12 -8.68
N SER B 323 -32.34 -3.09 -8.76
CA SER B 323 -33.49 -3.12 -9.66
C SER B 323 -33.78 -1.72 -10.15
N ALA B 324 -34.43 -1.62 -11.33
CA ALA B 324 -34.80 -0.32 -11.90
C ALA B 324 -35.80 0.38 -10.98
N GLU B 325 -36.69 -0.35 -10.32
CA GLU B 325 -37.67 0.23 -9.40
C GLU B 325 -37.00 0.79 -8.14
N LYS B 326 -35.94 0.14 -7.62
CA LYS B 326 -35.26 0.64 -6.44
C LYS B 326 -34.55 1.93 -6.78
N ILE B 327 -33.83 1.94 -7.90
CA ILE B 327 -33.13 3.13 -8.35
C ILE B 327 -34.11 4.28 -8.61
N ASN B 328 -35.21 3.96 -9.28
CA ASN B 328 -36.27 4.93 -9.59
C ASN B 328 -36.97 5.48 -8.36
N TYR B 329 -37.04 4.71 -7.26
CA TYR B 329 -37.64 5.18 -6.00
C TYR B 329 -36.92 6.45 -5.49
N PHE B 330 -35.59 6.53 -5.71
CA PHE B 330 -34.81 7.68 -5.26
C PHE B 330 -34.92 8.91 -6.16
N TYR B 331 -35.44 8.76 -7.40
CA TYR B 331 -35.51 9.86 -8.37
C TYR B 331 -36.11 11.17 -7.82
N PRO B 332 -37.30 11.19 -7.20
CA PRO B 332 -37.83 12.47 -6.70
C PRO B 332 -36.92 13.14 -5.67
N TYR B 333 -36.27 12.33 -4.82
CA TYR B 333 -35.37 12.83 -3.78
C TYR B 333 -34.09 13.38 -4.37
N MET B 334 -33.58 12.72 -5.42
CA MET B 334 -32.37 13.18 -6.09
C MET B 334 -32.64 14.45 -6.88
N GLU B 335 -33.85 14.58 -7.47
CA GLU B 335 -34.26 15.77 -8.20
C GLU B 335 -34.35 16.95 -7.22
N LYS B 336 -34.91 16.71 -6.03
CA LYS B 336 -35.00 17.70 -4.96
C LYS B 336 -33.60 18.14 -4.56
N TYR B 337 -32.67 17.19 -4.40
CA TYR B 337 -31.29 17.45 -4.06
C TYR B 337 -30.60 18.34 -5.13
N TYR B 338 -30.82 18.03 -6.42
CA TYR B 338 -30.24 18.78 -7.53
C TYR B 338 -30.76 20.23 -7.51
N ASN B 339 -32.06 20.39 -7.29
CA ASN B 339 -32.69 21.71 -7.23
C ASN B 339 -32.19 22.52 -6.02
N GLU B 340 -32.14 21.89 -4.84
CA GLU B 340 -31.67 22.55 -3.61
C GLU B 340 -30.21 22.97 -3.73
N ASN B 341 -29.34 22.05 -4.14
CA ASN B 341 -27.93 22.37 -4.37
C ASN B 341 -27.78 22.82 -5.85
N PHE B 342 -26.61 23.35 -6.23
CA PHE B 342 -26.38 23.81 -7.61
C PHE B 342 -27.27 25.00 -7.98
FE1 SF4 C . 8.81 0.43 18.28
FE2 SF4 C . 11.43 0.14 19.22
FE3 SF4 C . 9.61 -1.78 19.86
FE4 SF4 C . 9.41 0.72 20.94
S1 SF4 C . 11.09 -0.78 21.30
S2 SF4 C . 7.70 -0.54 20.08
S3 SF4 C . 10.22 2.07 19.28
S4 SF4 C . 10.36 -1.23 17.71
FE1 SF4 D . 20.61 4.26 2.56
FE2 SF4 D . 18.34 2.74 2.64
FE3 SF4 D . 18.58 4.82 0.82
FE4 SF4 D . 18.28 5.30 3.50
S1 SF4 D . 16.74 4.30 2.13
S2 SF4 D . 19.76 6.33 2.09
S3 SF4 D . 19.48 3.61 4.42
S4 SF4 D . 19.83 2.89 0.91
N SAH E . 7.42 2.12 18.27
CA SAH E . 6.74 2.25 16.94
CB SAH E . 7.40 3.21 15.90
CG SAH E . 8.91 3.28 15.97
SD SAH E . 9.68 1.76 15.32
C SAH E . 6.56 0.88 16.24
O SAH E . 5.91 0.77 15.22
OXT SAH E . 7.19 -0.12 16.80
C5' SAH E . 9.17 1.78 13.58
C4' SAH E . 9.25 0.45 12.86
O4' SAH E . 10.63 0.05 12.70
C3' SAH E . 8.53 -0.74 13.50
O3' SAH E . 7.74 -1.46 12.54
C2' SAH E . 9.69 -1.62 14.00
O2' SAH E . 9.41 -3.01 14.05
C1' SAH E . 10.72 -1.34 12.93
N9 SAH E . 12.09 -1.67 13.31
C8 SAH E . 12.71 -1.37 14.50
N7 SAH E . 13.93 -1.82 14.59
C5 SAH E . 14.14 -2.46 13.38
C6 SAH E . 15.23 -3.17 12.85
N6 SAH E . 16.39 -3.35 13.49
N1 SAH E . 15.10 -3.70 11.62
C2 SAH E . 13.95 -3.54 10.97
N3 SAH E . 12.84 -2.90 11.36
C4 SAH E . 13.00 -2.38 12.58
C1 EDO F . 23.15 -12.49 19.86
O1 EDO F . 23.01 -13.22 21.06
C2 EDO F . 24.64 -12.52 19.39
O2 EDO F . 24.86 -11.53 18.39
C1 EDO G . -5.92 1.79 27.58
O1 EDO G . -5.94 1.77 26.16
C2 EDO G . -6.23 3.21 28.11
O2 EDO G . -7.34 3.13 28.99
C1 EDO H . -3.89 29.85 8.94
O1 EDO H . -4.54 29.34 7.79
C2 EDO H . -4.70 29.44 10.19
O2 EDO H . -4.00 29.80 11.37
C1 PEG I . 7.44 -2.31 5.57
O1 PEG I . 7.03 -1.02 5.13
C2 PEG I . 8.86 -2.59 5.21
O2 PEG I . 9.71 -1.60 5.77
C3 PEG I . 10.48 -2.06 6.86
C4 PEG I . 10.51 -1.04 7.96
O4 PEG I . 11.48 -1.38 8.95
C1 EDO J . 13.42 1.70 3.62
O1 EDO J . 13.40 3.12 3.81
C2 EDO J . 13.18 0.94 4.95
O2 EDO J . 14.26 0.04 5.24
FE1 SF4 K . -9.01 -15.83 -10.47
FE2 SF4 K . -11.69 -16.73 -10.70
FE3 SF4 K . -9.83 -18.30 -9.44
FE4 SF4 K . -9.68 -17.92 -12.16
S1 SF4 K . -11.36 -19.00 -11.00
S2 SF4 K . -7.91 -17.87 -10.64
S3 SF4 K . -10.46 -15.78 -12.38
S4 SF4 K . -10.54 -16.21 -8.74
FE1 SF4 L . -21.03 0.26 -4.99
FE2 SF4 L . -18.79 -0.95 -3.95
FE3 SF4 L . -18.72 1.68 -4.68
FE4 SF4 L . -18.84 -0.27 -6.56
S1 SF4 L . -17.13 0.07 -5.12
S2 SF4 L . -20.08 1.67 -6.51
S3 SF4 L . -20.19 -1.81 -5.53
S4 SF4 L . -19.97 0.77 -3.01
N SAH M . -7.69 -14.90 -11.96
CA SAH M . -7.00 -13.73 -11.36
CB SAH M . -7.64 -12.33 -11.63
CG SAH M . -9.17 -12.35 -11.70
SD SAH M . -9.91 -12.58 -10.06
C SAH M . -6.79 -13.86 -9.83
O SAH M . -6.13 -13.04 -9.22
OXT SAH M . -7.41 -14.84 -9.26
C5' SAH M . -9.35 -11.09 -9.18
C4' SAH M . -9.43 -11.17 -7.67
O4' SAH M . -10.81 -11.22 -7.22
C3' SAH M . -8.71 -12.36 -7.00
O3' SAH M . -7.91 -11.92 -5.90
C2' SAH M . -9.87 -13.21 -6.49
O2' SAH M . -9.57 -13.98 -5.33
C1' SAH M . -10.88 -12.13 -6.14
N9 SAH M . -12.25 -12.62 -6.02
C8 SAH M . -12.88 -13.50 -6.87
N7 SAH M . -14.11 -13.79 -6.52
C5 SAH M . -14.30 -13.06 -5.36
C6 SAH M . -15.42 -12.91 -4.51
N6 SAH M . -16.56 -13.57 -4.66
N1 SAH M . -15.30 -12.06 -3.47
C2 SAH M . -14.13 -11.41 -3.29
N3 SAH M . -13.02 -11.48 -4.02
C4 SAH M . -13.17 -12.32 -5.05
C1 EDO N . -15.69 -4.10 -34.04
O1 EDO N . -16.11 -2.76 -33.89
C2 EDO N . -14.38 -4.33 -33.24
O2 EDO N . -13.84 -5.61 -33.52
C1 EDO O . -13.67 3.25 -28.72
O1 EDO O . -14.70 3.51 -29.69
C2 EDO O . -12.51 2.47 -29.37
O2 EDO O . -12.03 3.19 -30.53
C1 EDO P . -8.62 -22.78 8.40
O1 EDO P . -9.53 -21.84 8.95
C2 EDO P . -7.14 -22.34 8.55
O2 EDO P . -6.64 -21.77 7.33
C1 EDO Q . -18.15 -23.60 2.46
O1 EDO Q . -18.62 -22.42 3.12
C2 EDO Q . -17.10 -23.20 1.39
O2 EDO Q . -15.98 -22.63 2.04
C1 EDO R . -24.86 -23.42 -0.35
O1 EDO R . -24.56 -22.25 0.39
C2 EDO R . -24.58 -24.66 0.53
O2 EDO R . -23.18 -24.78 0.73
C1 EDO S . -2.29 -28.25 -9.35
O1 EDO S . -1.34 -28.18 -10.40
C2 EDO S . -1.59 -28.66 -8.04
O2 EDO S . -2.53 -28.91 -7.02
C1 EDO T . 4.26 7.21 -30.53
O1 EDO T . 3.82 6.61 -31.73
C2 EDO T . 3.22 8.28 -30.10
O2 EDO T . 3.49 8.73 -28.78
C1 PEG U . -11.38 -4.71 -0.67
O1 PEG U . -11.57 -3.32 -0.94
C2 PEG U . -10.96 -5.48 -1.89
O2 PEG U . -9.66 -5.05 -2.31
C3 PEG U . -8.76 -6.13 -2.52
C4 PEG U . -7.79 -6.23 -1.39
O4 PEG U . -8.44 -6.51 -0.18
C1 EDO V . -26.44 4.00 -20.58
O1 EDO V . -26.83 5.27 -20.12
C2 EDO V . -25.93 3.19 -19.38
O2 EDO V . -26.96 3.10 -18.43
C1 EDO W . -28.43 5.80 -11.98
O1 EDO W . -28.83 6.55 -13.12
C2 EDO W . -27.72 4.51 -12.41
O2 EDO W . -26.73 4.82 -13.37
C1 EDO X . -7.85 4.68 -31.17
O1 EDO X . -8.59 3.47 -31.18
C2 EDO X . -8.78 5.85 -30.76
O2 EDO X . -8.03 6.99 -30.36
C1 PEG Y . -14.50 -5.03 -2.60
O1 PEG Y . -15.79 -4.51 -2.35
C2 PEG Y . -13.95 -4.58 -3.92
O2 PEG Y . -13.75 -3.18 -3.92
C3 PEG Y . -13.12 -2.71 -5.09
C4 PEG Y . -12.82 -1.26 -4.96
O4 PEG Y . -11.75 -1.01 -4.06
C1 EDO Z . -12.49 -7.88 -4.33
O1 EDO Z . -13.44 -8.03 -3.30
C2 EDO Z . -11.20 -8.59 -3.92
O2 EDO Z . -10.15 -8.17 -4.76
C1 EDO AA . 16.35 -4.41 -14.33
O1 EDO AA . 15.99 -4.53 -12.97
C2 EDO AA . 16.57 -5.84 -14.90
O2 EDO AA . 16.72 -5.77 -16.32
C1 EDO BA . -22.97 -3.90 -33.26
O1 EDO BA . -23.06 -4.14 -31.86
C2 EDO BA . -21.64 -4.47 -33.82
O2 EDO BA . -21.48 -5.83 -33.44
C1 EDO CA . -39.70 -0.01 -5.06
O1 EDO CA . -40.41 0.39 -3.90
C2 EDO CA . -38.50 -0.88 -4.66
O2 EDO CA . -38.93 -2.01 -3.92
#